data_7VEM
#
_entry.id   7VEM
#
_cell.length_a   84.281
_cell.length_b   84.281
_cell.length_c   185.605
_cell.angle_alpha   90.000
_cell.angle_beta   90.000
_cell.angle_gamma   120.000
#
_symmetry.space_group_name_H-M   'P 32 2 1'
#
loop_
_entity.id
_entity.type
_entity.pdbx_description
1 polymer 'the NADPH-assisted quinone oxidoreductase'
2 non-polymer 'NADP NICOTINAMIDE-ADENINE-DINUCLEOTIDE PHOSPHATE'
3 non-polymer 1,2-ETHANEDIOL
4 water water
#
_entity_poly.entity_id   1
_entity_poly.type   'polypeptide(L)'
_entity_poly.pdbx_seq_one_letter_code
;MATNTVYRINDRTSHHNLVRLNEPLPSVHGHEVLVEIRGVTLNARDIQICGGFYPAAAVKDNLVPCSDGAGVIAAVGDAV
NDLEIGDRVIINISFDNLYGPLKSQKYMLGGGVDGTLRQYAAVPAHAIIKVPVDCKLDYVQLASLVCTGATVWNALYGYV
PMKPGQTVLFQGTGGVSITGVQLAKAAGAVTIVTSSSDEKLEFVKDKFGVDHVINYKTTPNWAEEVRRFTNGEGADYVIE
IGGAGTIEQSIQATASGGMIAVIGYLADIKQENMPNVPLLALIQGCALRGVQAGSKQLTTEMVNFVSRKNVQPYIHKTFG
FTENEVMAAFDLQNSGKQIGKVGIAVKDQ
;
_entity_poly.pdbx_strand_id   A,B
#
loop_
_chem_comp.id
_chem_comp.type
_chem_comp.name
_chem_comp.formula
EDO non-polymer 1,2-ETHANEDIOL 'C2 H6 O2'
NAP non-polymer 'NADP NICOTINAMIDE-ADENINE-DINUCLEOTIDE PHOSPHATE' 'C21 H28 N7 O17 P3'
#
# COMPACT_ATOMS: atom_id res chain seq x y z
N ALA A 2 7.54 -45.86 -23.17
CA ALA A 2 7.24 -44.40 -23.05
C ALA A 2 8.08 -43.79 -21.91
N THR A 3 8.60 -42.61 -22.22
CA THR A 3 9.67 -42.01 -21.47
C THR A 3 9.25 -40.59 -21.15
N ASN A 4 9.70 -40.06 -20.03
CA ASN A 4 9.56 -38.63 -19.71
C ASN A 4 10.98 -38.06 -19.56
N THR A 5 11.40 -37.25 -20.52
CA THR A 5 12.69 -36.59 -20.45
C THR A 5 12.56 -35.37 -19.54
N VAL A 6 13.27 -35.40 -18.42
CA VAL A 6 13.25 -34.33 -17.40
C VAL A 6 14.64 -33.78 -17.16
N TYR A 7 14.71 -32.53 -16.71
CA TYR A 7 15.95 -31.98 -16.18
C TYR A 7 15.82 -31.87 -14.68
N ARG A 8 16.74 -32.44 -13.92
CA ARG A 8 16.82 -32.24 -12.44
C ARG A 8 18.16 -31.69 -11.95
N ILE A 9 18.12 -30.91 -10.86
CA ILE A 9 19.30 -30.36 -10.18
C ILE A 9 19.28 -30.73 -8.70
N ASN A 10 20.45 -31.13 -8.19
CA ASN A 10 20.68 -31.36 -6.75
C ASN A 10 21.73 -30.46 -6.12
N ASP A 11 22.73 -30.02 -6.87
CA ASP A 11 23.75 -29.10 -6.35
C ASP A 11 23.43 -27.68 -6.88
N ARG A 12 22.74 -26.91 -6.05
CA ARG A 12 22.24 -25.60 -6.42
C ARG A 12 23.27 -24.47 -6.24
N THR A 13 24.33 -24.59 -7.04
CA THR A 13 25.44 -23.64 -7.15
C THR A 13 25.65 -23.19 -8.59
N SER A 14 24.90 -23.74 -9.53
CA SER A 14 24.94 -23.25 -10.90
C SER A 14 23.90 -24.03 -11.71
N HIS A 15 23.24 -23.37 -12.65
CA HIS A 15 22.36 -24.10 -13.59
C HIS A 15 23.08 -25.16 -14.42
N HIS A 16 24.39 -25.01 -14.61
CA HIS A 16 25.21 -26.10 -15.22
C HIS A 16 25.27 -27.46 -14.40
N ASN A 17 24.65 -27.52 -13.22
CA ASN A 17 24.42 -28.78 -12.53
C ASN A 17 23.04 -29.45 -12.84
N LEU A 18 22.25 -28.88 -13.77
CA LEU A 18 21.09 -29.62 -14.34
C LEU A 18 21.57 -30.84 -15.13
N VAL A 19 20.83 -31.93 -14.95
CA VAL A 19 21.15 -33.24 -15.48
C VAL A 19 19.90 -33.68 -16.22
N ARG A 20 20.05 -33.98 -17.50
CA ARG A 20 19.02 -34.58 -18.34
C ARG A 20 18.86 -36.07 -18.01
N LEU A 21 17.64 -36.50 -17.68
CA LEU A 21 17.31 -37.85 -17.23
C LEU A 21 16.12 -38.35 -18.05
N ASN A 22 16.09 -39.63 -18.37
CA ASN A 22 14.90 -40.27 -18.91
C ASN A 22 14.22 -40.97 -17.74
N GLU A 23 12.96 -40.67 -17.49
CA GLU A 23 12.17 -41.30 -16.41
C GLU A 23 10.96 -42.02 -16.98
N PRO A 24 10.35 -42.93 -16.19
CA PRO A 24 9.07 -43.53 -16.67
C PRO A 24 7.94 -42.46 -16.80
N LEU A 25 6.97 -42.65 -17.70
CA LEU A 25 5.80 -41.74 -17.77
C LEU A 25 5.11 -41.73 -16.41
N PRO A 26 4.96 -40.54 -15.78
CA PRO A 26 4.20 -40.52 -14.52
C PRO A 26 2.76 -41.00 -14.70
N SER A 27 2.29 -41.78 -13.76
CA SER A 27 0.88 -42.05 -13.64
C SER A 27 0.28 -40.84 -12.89
N VAL A 28 -1.01 -40.56 -13.15
CA VAL A 28 -1.74 -39.49 -12.45
C VAL A 28 -2.52 -40.05 -11.27
N HIS A 29 -2.56 -39.33 -10.14
CA HIS A 29 -3.56 -39.63 -9.12
C HIS A 29 -4.95 -39.19 -9.63
N GLY A 30 -5.99 -39.59 -8.90
CA GLY A 30 -7.37 -39.38 -9.36
C GLY A 30 -7.80 -37.95 -9.61
N HIS A 31 -7.23 -37.05 -8.81
CA HIS A 31 -7.49 -35.58 -8.90
C HIS A 31 -6.52 -34.83 -9.80
N GLU A 32 -5.54 -35.51 -10.38
CA GLU A 32 -4.52 -34.94 -11.28
C GLU A 32 -4.84 -35.04 -12.75
N VAL A 33 -4.01 -34.41 -13.52
CA VAL A 33 -4.08 -34.44 -14.98
C VAL A 33 -2.64 -34.56 -15.40
N LEU A 34 -2.37 -35.20 -16.53
CA LEU A 34 -0.99 -35.27 -17.06
C LEU A 34 -0.84 -34.25 -18.18
N VAL A 35 0.12 -33.32 -18.06
CA VAL A 35 0.26 -32.25 -19.05
C VAL A 35 1.40 -32.54 -19.95
N GLU A 36 1.16 -32.53 -21.26
CA GLU A 36 2.27 -32.58 -22.23
C GLU A 36 2.76 -31.18 -22.42
N ILE A 37 3.89 -30.88 -21.79
CA ILE A 37 4.49 -29.53 -21.84
C ILE A 37 5.10 -29.25 -23.18
N ARG A 38 4.72 -28.14 -23.79
CA ARG A 38 5.24 -27.78 -25.11
C ARG A 38 6.04 -26.52 -25.16
N GLY A 39 5.71 -25.53 -24.33
CA GLY A 39 6.45 -24.30 -24.23
C GLY A 39 6.81 -23.98 -22.77
N VAL A 40 8.01 -23.46 -22.58
CA VAL A 40 8.50 -23.02 -21.28
C VAL A 40 9.19 -21.64 -21.46
N THR A 41 9.15 -20.79 -20.43
CA THR A 41 10.01 -19.59 -20.40
C THR A 41 10.69 -19.54 -19.07
N LEU A 42 11.79 -18.83 -19.06
CA LEU A 42 12.60 -18.71 -17.86
C LEU A 42 12.25 -17.47 -17.07
N ASN A 43 12.74 -17.42 -15.84
CA ASN A 43 12.72 -16.22 -14.99
C ASN A 43 14.05 -16.08 -14.22
N ALA A 44 14.32 -14.87 -13.71
CA ALA A 44 15.43 -14.64 -12.83
C ALA A 44 15.36 -15.61 -11.67
N ARG A 45 14.17 -15.85 -11.12
CA ARG A 45 13.94 -16.87 -10.11
C ARG A 45 14.58 -18.24 -10.39
N ASP A 46 14.54 -18.71 -11.64
CA ASP A 46 15.15 -19.98 -11.99
C ASP A 46 16.68 -19.89 -11.82
N ILE A 47 17.26 -18.77 -12.23
CA ILE A 47 18.73 -18.59 -12.06
C ILE A 47 19.10 -18.55 -10.56
N GLN A 48 18.30 -17.81 -9.77
CA GLN A 48 18.52 -17.66 -8.31
C GLN A 48 18.44 -19.01 -7.62
N ILE A 49 17.42 -19.79 -7.97
CA ILE A 49 17.24 -21.11 -7.37
C ILE A 49 18.39 -22.11 -7.70
N CYS A 50 18.75 -22.20 -8.99
CA CYS A 50 19.75 -23.13 -9.45
C CYS A 50 21.14 -22.76 -8.99
N GLY A 51 21.28 -21.48 -8.63
CA GLY A 51 22.55 -20.92 -8.24
C GLY A 51 22.69 -20.67 -6.76
N GLY A 52 21.62 -20.98 -6.01
CA GLY A 52 21.65 -20.98 -4.55
C GLY A 52 21.51 -19.63 -3.86
N PHE A 53 20.88 -18.65 -4.54
CA PHE A 53 20.60 -17.35 -3.95
C PHE A 53 19.11 -16.93 -4.07
N TYR A 54 18.24 -17.84 -3.63
CA TYR A 54 16.80 -17.59 -3.51
C TYR A 54 16.45 -17.67 -2.02
N PRO A 55 16.43 -16.53 -1.34
CA PRO A 55 16.21 -16.62 0.10
C PRO A 55 14.72 -16.74 0.47
N ALA A 56 13.79 -16.46 -0.45
CA ALA A 56 12.35 -16.41 -0.11
C ALA A 56 11.82 -17.66 0.63
N ALA A 57 12.23 -18.85 0.18
CA ALA A 57 11.65 -20.12 0.66
C ALA A 57 12.58 -21.35 0.50
N ALA A 58 12.15 -22.49 1.06
CA ALA A 58 12.87 -23.74 0.92
C ALA A 58 12.60 -24.32 -0.47
N VAL A 59 13.59 -25.03 -1.00
CA VAL A 59 13.60 -25.62 -2.30
C VAL A 59 13.80 -27.11 -2.10
N LYS A 60 13.07 -27.91 -2.84
CA LYS A 60 13.19 -29.36 -2.72
C LYS A 60 14.48 -29.91 -3.39
N ASP A 61 14.97 -31.02 -2.88
CA ASP A 61 15.99 -31.84 -3.59
C ASP A 61 15.49 -32.33 -4.97
N ASN A 62 16.40 -32.78 -5.80
CA ASN A 62 16.08 -33.41 -7.09
C ASN A 62 15.06 -32.61 -7.86
N LEU A 63 15.32 -31.32 -7.98
CA LEU A 63 14.32 -30.38 -8.43
C LEU A 63 14.28 -30.24 -9.94
N VAL A 64 13.07 -30.25 -10.48
CA VAL A 64 12.83 -29.84 -11.87
C VAL A 64 12.56 -28.35 -11.80
N PRO A 65 13.36 -27.52 -12.47
CA PRO A 65 13.25 -26.07 -12.35
C PRO A 65 12.18 -25.49 -13.27
N CYS A 66 11.91 -24.19 -13.10
CA CYS A 66 11.01 -23.39 -13.97
C CYS A 66 9.53 -23.40 -13.52
N SER A 67 8.96 -22.21 -13.42
CA SER A 67 7.56 -22.02 -13.02
C SER A 67 6.64 -22.03 -14.21
N ASP A 68 7.19 -21.84 -15.41
CA ASP A 68 6.38 -21.41 -16.57
C ASP A 68 6.19 -22.52 -17.64
N GLY A 69 4.94 -22.99 -17.76
CA GLY A 69 4.62 -24.00 -18.70
C GLY A 69 3.22 -23.99 -19.24
N ALA A 70 3.15 -24.28 -20.54
CA ALA A 70 1.92 -24.46 -21.26
C ALA A 70 2.04 -25.66 -22.20
N GLY A 71 0.90 -26.26 -22.53
CA GLY A 71 0.82 -27.45 -23.34
C GLY A 71 -0.58 -28.00 -23.46
N VAL A 72 -0.71 -29.33 -23.60
CA VAL A 72 -2.00 -29.97 -23.73
C VAL A 72 -2.17 -31.12 -22.76
N ILE A 73 -3.41 -31.37 -22.37
CA ILE A 73 -3.77 -32.51 -21.53
C ILE A 73 -3.51 -33.86 -22.28
N ALA A 74 -2.71 -34.73 -21.64
CA ALA A 74 -2.32 -36.01 -22.20
C ALA A 74 -2.98 -37.17 -21.48
N ALA A 75 -3.44 -36.96 -20.26
CA ALA A 75 -4.25 -37.92 -19.53
C ALA A 75 -4.96 -37.20 -18.40
N VAL A 76 -6.06 -37.81 -17.95
CA VAL A 76 -6.97 -37.24 -16.99
C VAL A 76 -7.29 -38.29 -15.92
N GLY A 77 -7.02 -37.98 -14.66
CA GLY A 77 -7.44 -38.78 -13.52
C GLY A 77 -8.93 -39.03 -13.44
N ASP A 78 -9.32 -40.02 -12.65
CA ASP A 78 -10.69 -40.60 -12.74
C ASP A 78 -11.73 -39.77 -11.97
N ALA A 79 -11.31 -38.84 -11.11
CA ALA A 79 -12.23 -37.91 -10.44
C ALA A 79 -12.36 -36.55 -11.18
N VAL A 80 -11.59 -36.32 -12.22
CA VAL A 80 -11.53 -35.04 -12.90
C VAL A 80 -12.67 -34.90 -13.92
N ASN A 81 -13.29 -33.72 -13.92
CA ASN A 81 -14.57 -33.44 -14.56
C ASN A 81 -14.59 -32.70 -15.89
N ASP A 82 -13.79 -31.65 -15.97
CA ASP A 82 -14.01 -30.54 -16.90
C ASP A 82 -12.73 -30.29 -17.74
N LEU A 83 -12.01 -31.39 -18.00
CA LEU A 83 -10.75 -31.38 -18.72
C LEU A 83 -10.78 -32.65 -19.53
N GLU A 84 -10.34 -32.56 -20.78
CA GLU A 84 -10.28 -33.67 -21.71
C GLU A 84 -8.93 -33.67 -22.35
N ILE A 85 -8.58 -34.83 -22.85
CA ILE A 85 -7.37 -35.05 -23.61
C ILE A 85 -7.43 -34.11 -24.84
N GLY A 86 -6.28 -33.54 -25.19
CA GLY A 86 -6.22 -32.49 -26.22
C GLY A 86 -6.46 -31.05 -25.75
N ASP A 87 -7.04 -30.85 -24.56
CA ASP A 87 -7.32 -29.52 -24.06
C ASP A 87 -6.02 -28.79 -23.88
N ARG A 88 -5.99 -27.54 -24.35
CA ARG A 88 -4.85 -26.66 -24.31
C ARG A 88 -4.85 -25.80 -23.00
N VAL A 89 -3.69 -25.79 -22.33
CA VAL A 89 -3.61 -25.32 -20.94
C VAL A 89 -2.32 -24.64 -20.58
N ILE A 90 -2.42 -23.93 -19.46
CA ILE A 90 -1.31 -23.31 -18.73
C ILE A 90 -1.40 -23.91 -17.34
N ILE A 91 -0.26 -24.04 -16.65
CA ILE A 91 -0.26 -24.43 -15.25
C ILE A 91 -0.08 -23.17 -14.33
N ASN A 92 -1.00 -22.99 -13.38
CA ASN A 92 -0.84 -21.95 -12.35
C ASN A 92 0.50 -22.07 -11.69
N ILE A 93 1.14 -20.93 -11.45
CA ILE A 93 2.42 -20.95 -10.80
C ILE A 93 2.43 -21.71 -9.42
N SER A 94 1.31 -21.70 -8.72
CA SER A 94 1.08 -22.32 -7.42
C SER A 94 0.03 -23.44 -7.56
N PHE A 95 0.17 -24.59 -6.88
CA PHE A 95 -0.96 -25.55 -6.83
C PHE A 95 -2.13 -25.06 -5.98
N ASP A 96 -1.84 -24.32 -4.92
CA ASP A 96 -2.82 -24.00 -3.86
C ASP A 96 -3.40 -22.58 -3.82
N ASN A 97 -2.75 -21.62 -4.47
CA ASN A 97 -3.21 -20.22 -4.37
C ASN A 97 -4.22 -19.90 -5.49
N LEU A 98 -5.46 -20.36 -5.24
CA LEU A 98 -6.58 -20.17 -6.15
C LEU A 98 -7.15 -18.77 -6.00
N TYR A 99 -7.25 -18.26 -4.79
CA TYR A 99 -7.68 -16.88 -4.58
C TYR A 99 -7.01 -16.34 -3.33
N GLY A 100 -7.13 -15.02 -3.16
CA GLY A 100 -6.49 -14.35 -2.05
C GLY A 100 -4.98 -14.32 -2.10
N PRO A 101 -4.37 -13.85 -1.02
CA PRO A 101 -2.91 -13.76 -0.94
C PRO A 101 -2.19 -15.11 -0.85
N LEU A 102 -1.01 -15.19 -1.47
CA LEU A 102 -0.17 -16.41 -1.44
C LEU A 102 0.29 -16.65 0.00
N LYS A 103 0.00 -17.82 0.53
CA LYS A 103 0.28 -18.08 1.94
C LYS A 103 1.62 -18.81 2.17
N SER A 104 2.08 -19.60 1.20
CA SER A 104 3.47 -20.10 1.24
C SER A 104 3.96 -20.38 -0.14
N GLN A 105 5.23 -20.76 -0.22
CA GLN A 105 5.85 -21.22 -1.45
C GLN A 105 6.01 -22.72 -1.54
N LYS A 106 5.39 -23.46 -0.63
CA LYS A 106 5.50 -24.93 -0.62
C LYS A 106 5.09 -25.60 -1.91
N TYR A 107 4.17 -24.97 -2.67
CA TYR A 107 3.59 -25.58 -3.86
C TYR A 107 3.83 -24.71 -5.07
N MET A 108 4.96 -24.01 -5.10
CA MET A 108 5.31 -23.17 -6.24
C MET A 108 6.15 -24.00 -7.19
N LEU A 109 5.71 -24.05 -8.44
CA LEU A 109 6.40 -24.76 -9.49
C LEU A 109 7.85 -24.35 -9.59
N GLY A 110 8.73 -25.34 -9.63
CA GLY A 110 10.15 -25.06 -9.83
C GLY A 110 10.90 -24.58 -8.61
N GLY A 111 10.32 -24.90 -7.46
CA GLY A 111 10.84 -24.48 -6.18
C GLY A 111 10.39 -25.50 -5.13
N GLY A 112 9.18 -25.31 -4.63
CA GLY A 112 8.66 -26.15 -3.62
C GLY A 112 8.25 -27.50 -4.16
N VAL A 113 7.70 -27.52 -5.39
CA VAL A 113 7.39 -28.75 -6.14
C VAL A 113 8.06 -28.66 -7.51
N ASP A 114 8.13 -29.79 -8.20
CA ASP A 114 8.77 -29.85 -9.49
C ASP A 114 8.07 -28.92 -10.47
N GLY A 115 8.89 -28.23 -11.27
CA GLY A 115 8.44 -27.25 -12.24
C GLY A 115 8.13 -27.77 -13.62
N THR A 116 8.53 -27.04 -14.64
CA THR A 116 8.04 -27.32 -16.02
C THR A 116 9.05 -27.80 -17.08
N LEU A 117 10.30 -27.95 -16.67
CA LEU A 117 11.39 -28.29 -17.59
C LEU A 117 11.49 -29.81 -17.71
N ARG A 118 10.46 -30.38 -18.33
CA ARG A 118 10.30 -31.79 -18.53
C ARG A 118 9.21 -31.91 -19.60
N GLN A 119 9.10 -33.06 -20.27
CA GLN A 119 8.08 -33.31 -21.29
C GLN A 119 6.67 -33.53 -20.68
N TYR A 120 6.63 -34.17 -19.50
CA TYR A 120 5.36 -34.51 -18.88
C TYR A 120 5.33 -34.10 -17.43
N ALA A 121 4.21 -33.55 -17.01
CA ALA A 121 4.03 -33.26 -15.59
C ALA A 121 2.62 -33.66 -15.07
N ALA A 122 2.59 -34.41 -13.97
CA ALA A 122 1.34 -34.69 -13.26
C ALA A 122 1.07 -33.54 -12.31
N VAL A 123 -0.09 -32.89 -12.45
CA VAL A 123 -0.44 -31.77 -11.58
C VAL A 123 -1.90 -31.87 -11.18
N PRO A 124 -2.25 -31.32 -10.01
CA PRO A 124 -3.66 -31.27 -9.66
C PRO A 124 -4.49 -30.48 -10.70
N ALA A 125 -5.66 -31.00 -11.07
CA ALA A 125 -6.54 -30.34 -12.04
C ALA A 125 -6.92 -28.91 -11.63
N HIS A 126 -7.01 -28.67 -10.32
CA HIS A 126 -7.38 -27.36 -9.76
C HIS A 126 -6.30 -26.24 -10.05
N ALA A 127 -5.10 -26.68 -10.43
CA ALA A 127 -4.01 -25.83 -10.84
C ALA A 127 -4.07 -25.43 -12.33
N ILE A 128 -4.96 -26.03 -13.08
CA ILE A 128 -5.03 -25.83 -14.53
C ILE A 128 -5.77 -24.56 -14.88
N ILE A 129 -5.18 -23.80 -15.80
CA ILE A 129 -5.84 -22.70 -16.46
C ILE A 129 -6.05 -23.04 -17.94
N LYS A 130 -7.28 -22.96 -18.39
CA LYS A 130 -7.65 -23.34 -19.76
C LYS A 130 -7.42 -22.17 -20.65
N VAL A 131 -6.78 -22.44 -21.77
CA VAL A 131 -6.47 -21.44 -22.71
C VAL A 131 -7.73 -21.22 -23.56
N PRO A 132 -8.23 -20.00 -23.66
CA PRO A 132 -9.42 -19.84 -24.49
C PRO A 132 -9.20 -20.35 -25.88
N VAL A 133 -10.29 -20.86 -26.40
CA VAL A 133 -10.34 -21.61 -27.67
C VAL A 133 -9.88 -20.81 -28.91
N ASP A 134 -10.24 -19.54 -28.94
CA ASP A 134 -9.83 -18.63 -30.01
C ASP A 134 -8.38 -18.06 -29.87
N CYS A 135 -7.68 -18.34 -28.77
CA CYS A 135 -6.31 -17.82 -28.60
C CYS A 135 -5.37 -18.28 -29.71
N LYS A 136 -4.55 -17.38 -30.22
CA LYS A 136 -3.67 -17.66 -31.37
C LYS A 136 -2.21 -17.67 -30.99
N LEU A 137 -1.91 -17.62 -29.69
CA LEU A 137 -0.53 -17.66 -29.26
C LEU A 137 0.02 -19.08 -29.33
N ASP A 138 1.34 -19.14 -29.50
CA ASP A 138 2.04 -20.38 -29.41
C ASP A 138 2.27 -20.69 -27.90
N TYR A 139 2.91 -21.83 -27.64
CA TYR A 139 2.97 -22.36 -26.29
C TYR A 139 3.96 -21.64 -25.41
N VAL A 140 5.02 -21.12 -26.01
CA VAL A 140 6.06 -20.38 -25.30
C VAL A 140 5.48 -19.01 -24.84
N GLN A 141 4.81 -18.33 -25.75
CA GLN A 141 4.08 -17.12 -25.43
C GLN A 141 3.05 -17.37 -24.27
N LEU A 142 2.34 -18.48 -24.33
CA LEU A 142 1.36 -18.83 -23.30
C LEU A 142 2.04 -19.03 -21.95
N ALA A 143 3.21 -19.68 -21.99
CA ALA A 143 3.96 -19.96 -20.79
C ALA A 143 4.40 -18.65 -20.18
N SER A 144 4.68 -17.66 -21.04
CA SER A 144 5.25 -16.38 -20.59
C SER A 144 4.36 -15.67 -19.57
N LEU A 145 3.08 -16.02 -19.55
CA LEU A 145 2.12 -15.39 -18.70
C LEU A 145 2.14 -15.85 -17.24
N VAL A 146 2.77 -16.99 -16.93
CA VAL A 146 2.60 -17.66 -15.64
C VAL A 146 3.21 -16.85 -14.48
N CYS A 147 4.41 -16.34 -14.66
CA CYS A 147 5.13 -15.69 -13.56
C CYS A 147 5.04 -14.17 -13.71
N THR A 148 5.68 -13.62 -14.75
CA THR A 148 5.65 -12.18 -15.03
C THR A 148 4.21 -11.65 -15.29
N GLY A 149 3.41 -12.35 -16.06
CA GLY A 149 2.01 -11.91 -16.31
C GLY A 149 1.13 -11.85 -15.03
N ALA A 150 1.14 -12.97 -14.30
CA ALA A 150 0.50 -13.08 -12.98
C ALA A 150 0.93 -11.97 -11.98
N THR A 151 2.23 -11.72 -11.90
CA THR A 151 2.80 -10.72 -10.99
C THR A 151 2.34 -9.30 -11.32
N VAL A 152 2.54 -8.91 -12.59
CA VAL A 152 2.12 -7.62 -13.08
C VAL A 152 0.62 -7.39 -12.89
N TRP A 153 -0.21 -8.36 -13.26
CA TRP A 153 -1.63 -8.18 -13.15
C TRP A 153 -2.01 -8.01 -11.67
N ASN A 154 -1.27 -8.65 -10.76
CA ASN A 154 -1.53 -8.51 -9.33
C ASN A 154 -1.19 -7.10 -8.88
N ALA A 155 -0.02 -6.62 -9.28
CA ALA A 155 0.40 -5.29 -8.94
C ALA A 155 -0.60 -4.24 -9.43
N LEU A 156 -1.13 -4.39 -10.66
CA LEU A 156 -2.00 -3.39 -11.27
C LEU A 156 -3.47 -3.56 -10.97
N TYR A 157 -3.91 -4.79 -10.72
CA TYR A 157 -5.31 -5.09 -10.55
C TYR A 157 -5.69 -5.88 -9.33
N GLY A 158 -4.76 -6.30 -8.52
CA GLY A 158 -5.09 -7.16 -7.38
C GLY A 158 -5.33 -6.46 -6.06
N TYR A 159 -5.03 -5.16 -5.95
CA TYR A 159 -5.34 -4.39 -4.77
C TYR A 159 -6.28 -3.20 -5.11
N VAL A 160 -5.76 -2.04 -5.53
CA VAL A 160 -6.61 -0.99 -6.12
C VAL A 160 -6.32 -1.01 -7.64
N PRO A 161 -7.34 -1.13 -8.47
CA PRO A 161 -7.09 -1.39 -9.89
C PRO A 161 -6.73 -0.14 -10.71
N MET A 162 -5.94 -0.32 -11.76
CA MET A 162 -5.53 0.79 -12.60
C MET A 162 -6.73 1.32 -13.32
N LYS A 163 -6.75 2.61 -13.57
CA LYS A 163 -7.76 3.23 -14.46
C LYS A 163 -7.15 3.56 -15.77
N PRO A 164 -7.96 3.51 -16.81
CA PRO A 164 -7.44 3.89 -18.12
C PRO A 164 -6.95 5.33 -18.13
N GLY A 165 -5.82 5.57 -18.81
CA GLY A 165 -5.17 6.88 -18.84
C GLY A 165 -4.11 7.16 -17.80
N GLN A 166 -3.98 6.30 -16.80
CA GLN A 166 -2.99 6.53 -15.77
C GLN A 166 -1.64 6.08 -16.25
N THR A 167 -0.63 6.53 -15.50
CA THR A 167 0.77 6.32 -15.87
C THR A 167 1.43 5.25 -15.03
N VAL A 168 2.08 4.33 -15.73
CA VAL A 168 2.87 3.25 -15.10
C VAL A 168 4.34 3.40 -15.53
N LEU A 169 5.17 3.30 -14.51
CA LEU A 169 6.59 3.32 -14.61
C LEU A 169 7.13 1.92 -14.31
N PHE A 170 7.98 1.46 -15.21
CA PHE A 170 8.63 0.18 -15.10
C PHE A 170 10.09 0.39 -15.01
N GLN A 171 10.69 -0.14 -13.95
CA GLN A 171 12.16 -0.15 -13.78
C GLN A 171 12.80 -1.26 -14.60
N GLY A 172 13.78 -0.92 -15.42
CA GLY A 172 14.52 -1.93 -16.19
C GLY A 172 13.76 -2.55 -17.35
N THR A 173 14.44 -3.44 -18.09
CA THR A 173 13.91 -4.00 -19.33
C THR A 173 13.85 -5.53 -19.26
N GLY A 174 13.66 -6.04 -18.03
CA GLY A 174 13.55 -7.48 -17.74
C GLY A 174 12.21 -8.08 -18.09
N GLY A 175 12.01 -9.35 -17.77
CA GLY A 175 10.69 -9.94 -18.01
C GLY A 175 9.51 -9.24 -17.33
N VAL A 176 9.69 -8.75 -16.10
CA VAL A 176 8.54 -8.12 -15.38
C VAL A 176 8.08 -6.88 -16.14
N SER A 177 9.05 -6.08 -16.57
CA SER A 177 8.82 -4.82 -17.28
C SER A 177 8.27 -4.98 -18.68
N ILE A 178 8.81 -5.92 -19.43
CA ILE A 178 8.39 -6.11 -20.82
C ILE A 178 7.00 -6.72 -20.84
N THR A 179 6.79 -7.74 -20.02
CA THR A 179 5.43 -8.25 -19.85
C THR A 179 4.50 -7.14 -19.39
N GLY A 180 4.99 -6.25 -18.53
CA GLY A 180 4.19 -5.16 -17.97
C GLY A 180 3.78 -4.07 -18.93
N VAL A 181 4.72 -3.63 -19.73
CA VAL A 181 4.41 -2.64 -20.72
C VAL A 181 3.43 -3.15 -21.76
N GLN A 182 3.52 -4.39 -22.16
CA GLN A 182 2.59 -4.90 -23.19
C GLN A 182 1.14 -5.01 -22.68
N LEU A 183 0.99 -5.52 -21.45
CA LEU A 183 -0.33 -5.52 -20.78
C LEU A 183 -0.83 -4.09 -20.53
N ALA A 184 0.02 -3.25 -19.94
CA ALA A 184 -0.45 -1.93 -19.49
C ALA A 184 -0.88 -1.05 -20.71
N LYS A 185 -0.09 -1.14 -21.77
CA LYS A 185 -0.38 -0.42 -22.98
C LYS A 185 -1.67 -0.88 -23.60
N ALA A 186 -1.92 -2.20 -23.64
CA ALA A 186 -3.24 -2.70 -24.14
C ALA A 186 -4.43 -2.40 -23.19
N ALA A 187 -4.17 -2.10 -21.91
CA ALA A 187 -5.19 -1.56 -20.98
C ALA A 187 -5.33 -0.01 -21.02
N GLY A 188 -4.67 0.66 -21.97
CA GLY A 188 -4.73 2.13 -22.07
C GLY A 188 -3.92 2.94 -21.06
N ALA A 189 -2.85 2.38 -20.53
CA ALA A 189 -1.93 3.19 -19.73
C ALA A 189 -0.96 4.02 -20.60
N VAL A 190 -0.47 5.10 -20.01
CA VAL A 190 0.72 5.78 -20.43
C VAL A 190 1.84 4.99 -19.78
N THR A 191 2.90 4.70 -20.55
CA THR A 191 4.01 3.92 -20.05
C THR A 191 5.34 4.64 -20.09
N ILE A 192 6.10 4.48 -19.03
CA ILE A 192 7.50 4.92 -18.96
C ILE A 192 8.37 3.70 -18.58
N VAL A 193 9.53 3.59 -19.22
CA VAL A 193 10.52 2.48 -18.98
C VAL A 193 11.92 3.06 -18.68
N THR A 194 12.64 2.51 -17.71
CA THR A 194 14.01 2.96 -17.43
C THR A 194 14.97 1.85 -17.73
N SER A 195 16.23 2.22 -17.96
CA SER A 195 17.26 1.24 -18.24
C SER A 195 18.62 1.81 -18.00
N SER A 196 19.56 0.95 -17.65
CA SER A 196 20.97 1.26 -17.74
C SER A 196 21.51 1.39 -19.18
N SER A 197 20.79 0.92 -20.20
CA SER A 197 21.28 0.96 -21.59
C SER A 197 20.39 1.76 -22.56
N ASP A 198 20.99 2.75 -23.18
CA ASP A 198 20.36 3.45 -24.28
C ASP A 198 20.00 2.54 -25.46
N GLU A 199 20.78 1.49 -25.75
CA GLU A 199 20.43 0.58 -26.87
C GLU A 199 19.11 -0.11 -26.58
N LYS A 200 18.99 -0.58 -25.35
CA LYS A 200 17.75 -1.22 -24.88
C LYS A 200 16.54 -0.27 -24.90
N LEU A 201 16.73 0.99 -24.47
CA LEU A 201 15.64 1.95 -24.43
C LEU A 201 15.10 2.20 -25.81
N GLU A 202 16.00 2.40 -26.77
CA GLU A 202 15.67 2.52 -28.20
C GLU A 202 14.82 1.30 -28.73
N PHE A 203 15.32 0.11 -28.41
CA PHE A 203 14.69 -1.14 -28.79
C PHE A 203 13.28 -1.25 -28.21
N VAL A 204 13.16 -1.06 -26.90
CA VAL A 204 11.85 -1.06 -26.21
C VAL A 204 10.90 -0.02 -26.84
N LYS A 205 11.40 1.17 -27.10
CA LYS A 205 10.58 2.22 -27.69
C LYS A 205 10.09 1.84 -29.09
N ASP A 206 10.94 1.20 -29.87
CA ASP A 206 10.67 0.88 -31.25
C ASP A 206 9.68 -0.26 -31.32
N LYS A 207 9.88 -1.31 -30.49
CA LYS A 207 8.99 -2.52 -30.51
C LYS A 207 7.67 -2.39 -29.81
N PHE A 208 7.66 -1.68 -28.69
CA PHE A 208 6.44 -1.66 -27.84
C PHE A 208 5.73 -0.32 -27.77
N GLY A 209 6.32 0.73 -28.35
CA GLY A 209 5.65 2.03 -28.36
C GLY A 209 5.39 2.60 -26.96
N VAL A 210 6.39 2.50 -26.08
CA VAL A 210 6.27 3.13 -24.80
C VAL A 210 6.36 4.65 -24.98
N ASP A 211 5.78 5.37 -24.07
CA ASP A 211 5.61 6.81 -24.22
C ASP A 211 6.89 7.55 -23.88
N HIS A 212 7.62 7.12 -22.85
CA HIS A 212 8.86 7.80 -22.43
C HIS A 212 9.90 6.79 -21.92
N VAL A 213 11.18 7.09 -22.18
CA VAL A 213 12.29 6.27 -21.74
C VAL A 213 13.25 7.14 -20.99
N ILE A 214 13.91 6.57 -20.01
CA ILE A 214 14.88 7.30 -19.16
C ILE A 214 16.01 6.34 -18.80
N ASN A 215 17.24 6.73 -19.05
CA ASN A 215 18.41 5.94 -18.64
C ASN A 215 18.77 6.24 -17.17
N TYR A 216 18.56 5.27 -16.28
CA TYR A 216 18.78 5.47 -14.86
C TYR A 216 20.23 5.50 -14.47
N LYS A 217 21.12 5.05 -15.34
CA LYS A 217 22.54 5.02 -15.02
C LYS A 217 23.06 6.44 -15.19
N THR A 218 22.87 6.99 -16.39
CA THR A 218 23.36 8.33 -16.68
C THR A 218 22.50 9.44 -16.13
N THR A 219 21.25 9.12 -15.75
CA THR A 219 20.24 10.09 -15.30
C THR A 219 19.62 9.59 -13.97
N PRO A 220 20.41 9.57 -12.87
CA PRO A 220 19.92 9.09 -11.54
C PRO A 220 18.88 9.99 -10.87
N ASN A 221 18.77 11.19 -11.34
CA ASN A 221 17.65 12.09 -11.01
C ASN A 221 16.36 11.74 -11.79
N TRP A 222 16.02 10.46 -11.87
CA TRP A 222 14.94 10.03 -12.78
C TRP A 222 13.54 10.37 -12.24
N ALA A 223 13.38 10.46 -10.93
CA ALA A 223 12.07 10.81 -10.43
C ALA A 223 11.65 12.12 -11.03
N GLU A 224 12.58 13.06 -11.11
CA GLU A 224 12.24 14.40 -11.56
C GLU A 224 11.72 14.35 -13.02
N GLU A 225 12.29 13.49 -13.85
CA GLU A 225 11.85 13.33 -15.26
C GLU A 225 10.48 12.71 -15.34
N VAL A 226 10.22 11.75 -14.45
CA VAL A 226 8.91 11.09 -14.39
C VAL A 226 7.87 12.17 -14.10
N ARG A 227 8.21 13.08 -13.20
CA ARG A 227 7.34 14.20 -12.88
C ARG A 227 7.10 15.12 -14.08
N ARG A 228 8.15 15.45 -14.85
CA ARG A 228 7.99 16.25 -16.09
C ARG A 228 7.02 15.59 -17.08
N PHE A 229 7.14 14.29 -17.26
CA PHE A 229 6.27 13.55 -18.19
C PHE A 229 4.85 13.27 -17.65
N THR A 230 4.57 13.63 -16.41
CA THR A 230 3.21 13.44 -15.85
C THR A 230 2.58 14.77 -15.39
N ASN A 231 2.96 15.88 -16.04
CA ASN A 231 2.40 17.22 -15.74
C ASN A 231 2.65 17.59 -14.28
N GLY A 232 3.79 17.18 -13.74
CA GLY A 232 4.11 17.45 -12.36
C GLY A 232 3.53 16.51 -11.33
N GLU A 233 2.65 15.58 -11.72
CA GLU A 233 1.85 14.74 -10.75
C GLU A 233 2.62 13.53 -10.19
N GLY A 234 3.44 12.95 -11.07
CA GLY A 234 4.11 11.69 -10.81
C GLY A 234 3.30 10.53 -11.36
N ALA A 235 3.94 9.38 -11.37
CA ALA A 235 3.37 8.15 -11.86
C ALA A 235 2.34 7.59 -10.89
N ASP A 236 1.28 6.99 -11.43
CA ASP A 236 0.21 6.38 -10.61
C ASP A 236 0.60 5.01 -10.04
N TYR A 237 1.32 4.20 -10.85
CA TYR A 237 1.90 2.91 -10.41
C TYR A 237 3.40 2.83 -10.71
N VAL A 238 4.18 2.28 -9.78
CA VAL A 238 5.59 1.99 -10.04
C VAL A 238 5.79 0.50 -9.83
N ILE A 239 6.28 -0.17 -10.88
CA ILE A 239 6.65 -1.59 -10.81
C ILE A 239 8.11 -1.69 -10.33
N GLU A 240 8.27 -1.79 -9.00
CA GLU A 240 9.57 -1.52 -8.35
C GLU A 240 10.37 -2.85 -8.22
N ILE A 241 11.51 -2.95 -8.91
CA ILE A 241 12.41 -4.12 -8.80
C ILE A 241 13.80 -3.82 -8.23
N GLY A 242 14.05 -2.59 -7.82
CA GLY A 242 15.35 -2.22 -7.24
C GLY A 242 15.42 -2.48 -5.74
N GLY A 243 14.29 -2.27 -5.06
CA GLY A 243 14.20 -2.41 -3.64
C GLY A 243 14.76 -1.17 -3.00
N ALA A 244 15.44 -1.35 -1.86
CA ALA A 244 15.89 -0.20 -1.05
C ALA A 244 16.81 0.76 -1.77
N GLY A 245 17.71 0.20 -2.56
CA GLY A 245 18.62 1.02 -3.38
C GLY A 245 17.94 2.08 -4.24
N THR A 246 16.75 1.78 -4.77
CA THR A 246 16.03 2.74 -5.63
C THR A 246 14.69 3.30 -5.08
N ILE A 247 14.30 2.89 -3.86
CA ILE A 247 12.98 3.19 -3.35
C ILE A 247 12.80 4.65 -3.09
N GLU A 248 13.88 5.35 -2.70
CA GLU A 248 13.76 6.82 -2.51
C GLU A 248 13.38 7.54 -3.82
N GLN A 249 14.11 7.30 -4.91
CA GLN A 249 13.73 7.89 -6.18
C GLN A 249 12.30 7.45 -6.55
N SER A 250 12.05 6.14 -6.48
CA SER A 250 10.72 5.63 -6.82
C SER A 250 9.60 6.37 -6.08
N ILE A 251 9.78 6.61 -4.78
CA ILE A 251 8.77 7.29 -3.97
C ILE A 251 8.52 8.70 -4.50
N GLN A 252 9.60 9.41 -4.77
CA GLN A 252 9.50 10.78 -5.30
C GLN A 252 8.98 10.87 -6.74
N ALA A 253 8.91 9.74 -7.44
CA ALA A 253 8.33 9.67 -8.76
C ALA A 253 6.86 9.33 -8.74
N THR A 254 6.30 9.03 -7.56
CA THR A 254 4.92 8.54 -7.46
C THR A 254 3.97 9.68 -7.09
N ALA A 255 2.81 9.73 -7.74
CA ALA A 255 1.72 10.64 -7.38
C ALA A 255 1.24 10.43 -5.97
N SER A 256 0.61 11.42 -5.36
CA SER A 256 -0.01 11.16 -4.07
C SER A 256 -1.29 10.37 -4.36
N GLY A 257 -1.56 9.38 -3.53
CA GLY A 257 -2.55 8.37 -3.87
C GLY A 257 -2.07 7.26 -4.83
N GLY A 258 -0.80 7.24 -5.23
CA GLY A 258 -0.31 6.22 -6.12
C GLY A 258 0.15 5.01 -5.35
N MET A 259 0.57 4.02 -6.14
CA MET A 259 0.91 2.66 -5.67
C MET A 259 2.30 2.29 -6.17
N ILE A 260 3.17 1.87 -5.26
CA ILE A 260 4.45 1.28 -5.62
C ILE A 260 4.37 -0.21 -5.31
N ALA A 261 4.32 -1.01 -6.37
CA ALA A 261 4.30 -2.46 -6.29
C ALA A 261 5.74 -2.92 -6.14
N VAL A 262 6.10 -3.26 -4.90
CA VAL A 262 7.41 -3.81 -4.56
C VAL A 262 7.44 -5.28 -4.91
N ILE A 263 8.36 -5.61 -5.82
CA ILE A 263 8.41 -6.90 -6.51
C ILE A 263 9.77 -7.56 -6.39
N GLY A 264 10.86 -6.82 -6.55
CA GLY A 264 12.21 -7.36 -6.36
C GLY A 264 13.11 -6.45 -5.55
N TYR A 265 14.37 -6.84 -5.37
CA TYR A 265 15.33 -6.01 -4.66
C TYR A 265 16.78 -6.14 -5.23
N LEU A 266 16.86 -6.01 -6.55
CA LEU A 266 18.09 -6.17 -7.32
C LEU A 266 19.10 -5.11 -7.07
N ALA A 267 18.73 -3.95 -6.52
CA ALA A 267 19.64 -2.83 -6.38
C ALA A 267 20.49 -2.95 -5.14
N ASP A 268 21.73 -2.45 -5.22
CA ASP A 268 22.67 -2.45 -4.09
C ASP A 268 22.21 -1.40 -3.13
N ILE A 269 22.54 -1.59 -1.86
CA ILE A 269 22.27 -0.56 -0.86
C ILE A 269 23.24 -0.82 0.29
N LYS A 270 23.65 0.22 0.98
CA LYS A 270 24.36 0.08 2.25
C LYS A 270 23.55 0.83 3.27
N GLN A 271 23.76 0.39 4.51
CA GLN A 271 23.03 0.83 5.67
C GLN A 271 23.11 2.33 5.85
N GLU A 272 24.26 2.90 5.46
CA GLU A 272 24.54 4.33 5.58
C GLU A 272 23.54 5.18 4.78
N ASN A 273 23.14 4.67 3.60
CA ASN A 273 22.19 5.37 2.68
C ASN A 273 20.71 4.84 2.72
N MET A 274 20.40 3.97 3.67
CA MET A 274 19.09 3.36 3.78
C MET A 274 18.07 4.45 4.03
N PRO A 275 17.11 4.62 3.11
CA PRO A 275 16.20 5.75 3.30
C PRO A 275 15.12 5.49 4.39
N ASN A 276 14.63 6.59 4.95
CA ASN A 276 13.48 6.55 5.87
C ASN A 276 12.14 6.42 5.09
N VAL A 277 11.68 5.19 4.87
CA VAL A 277 10.50 4.93 4.00
C VAL A 277 9.14 5.36 4.58
N PRO A 278 8.87 5.02 5.86
CA PRO A 278 7.68 5.57 6.49
C PRO A 278 7.57 7.08 6.34
N LEU A 279 8.69 7.80 6.56
CA LEU A 279 8.62 9.25 6.48
C LEU A 279 8.41 9.76 5.03
N LEU A 280 9.12 9.15 4.08
CA LEU A 280 9.02 9.54 2.67
C LEU A 280 7.63 9.29 2.09
N ALA A 281 7.08 8.12 2.39
CA ALA A 281 5.75 7.75 1.99
C ALA A 281 4.68 8.62 2.66
N LEU A 282 4.88 8.94 3.94
CA LEU A 282 3.99 9.90 4.65
C LEU A 282 3.93 11.28 3.95
N ILE A 283 5.11 11.76 3.55
CA ILE A 283 5.25 13.02 2.83
C ILE A 283 4.69 12.95 1.43
N GLN A 284 4.97 11.86 0.69
CA GLN A 284 4.38 11.73 -0.63
C GLN A 284 2.92 11.41 -0.63
N GLY A 285 2.40 10.76 0.42
CA GLY A 285 0.97 10.35 0.40
C GLY A 285 0.70 9.14 -0.50
N CYS A 286 1.65 8.23 -0.63
CA CYS A 286 1.53 7.13 -1.59
C CYS A 286 1.70 5.85 -0.86
N ALA A 287 1.35 4.78 -1.55
CA ALA A 287 1.37 3.43 -0.96
C ALA A 287 2.53 2.56 -1.49
N LEU A 288 2.95 1.60 -0.68
CA LEU A 288 3.87 0.55 -1.12
C LEU A 288 3.20 -0.76 -0.83
N ARG A 289 3.39 -1.74 -1.70
CA ARG A 289 2.83 -3.05 -1.47
C ARG A 289 3.77 -4.14 -1.92
N GLY A 290 4.02 -5.11 -1.04
CA GLY A 290 4.82 -6.29 -1.37
C GLY A 290 3.97 -7.26 -2.17
N VAL A 291 4.28 -7.40 -3.45
CA VAL A 291 3.50 -8.24 -4.39
C VAL A 291 4.10 -9.64 -4.48
N GLN A 292 3.28 -10.69 -4.36
CA GLN A 292 3.77 -12.08 -4.32
C GLN A 292 3.12 -12.94 -5.40
N ALA A 293 3.75 -13.03 -6.56
CA ALA A 293 3.15 -13.65 -7.73
C ALA A 293 1.71 -13.18 -7.90
N GLY A 294 0.74 -14.09 -7.88
CA GLY A 294 -0.65 -13.77 -8.17
C GLY A 294 -1.46 -15.05 -8.16
N SER A 295 -2.72 -14.96 -7.76
CA SER A 295 -3.54 -16.12 -7.61
C SER A 295 -4.02 -16.63 -8.99
N LYS A 296 -4.61 -17.82 -8.93
CA LYS A 296 -5.23 -18.35 -10.09
C LYS A 296 -6.40 -17.50 -10.59
N GLN A 297 -7.26 -17.03 -9.71
CA GLN A 297 -8.36 -16.15 -10.13
C GLN A 297 -7.90 -14.99 -10.98
N LEU A 298 -6.90 -14.25 -10.48
CA LEU A 298 -6.29 -13.07 -11.17
C LEU A 298 -5.64 -13.39 -12.51
N THR A 299 -4.75 -14.35 -12.45
CA THR A 299 -4.04 -14.81 -13.60
C THR A 299 -5.01 -15.25 -14.73
N THR A 300 -6.13 -15.86 -14.38
CA THR A 300 -7.15 -16.23 -15.37
C THR A 300 -7.75 -15.01 -16.09
N GLU A 301 -7.97 -13.95 -15.34
CA GLU A 301 -8.48 -12.71 -15.92
C GLU A 301 -7.53 -12.10 -16.94
N MET A 302 -6.25 -12.21 -16.63
CA MET A 302 -5.20 -11.59 -17.46
C MET A 302 -5.00 -12.44 -18.68
N VAL A 303 -5.10 -13.76 -18.51
CA VAL A 303 -5.10 -14.69 -19.63
C VAL A 303 -6.27 -14.39 -20.58
N ASN A 304 -7.47 -14.21 -20.03
CA ASN A 304 -8.63 -13.88 -20.83
C ASN A 304 -8.49 -12.56 -21.61
N PHE A 305 -7.97 -11.55 -20.95
CA PHE A 305 -7.64 -10.31 -21.58
C PHE A 305 -6.64 -10.50 -22.73
N VAL A 306 -5.55 -11.22 -22.47
CA VAL A 306 -4.51 -11.44 -23.47
C VAL A 306 -5.05 -12.10 -24.75
N SER A 307 -5.79 -13.18 -24.58
CA SER A 307 -6.53 -13.82 -25.65
C SER A 307 -7.53 -12.87 -26.33
N ARG A 308 -8.45 -12.28 -25.58
CA ARG A 308 -9.55 -11.52 -26.19
C ARG A 308 -9.02 -10.31 -27.01
N LYS A 309 -7.96 -9.68 -26.53
CA LYS A 309 -7.44 -8.51 -27.16
C LYS A 309 -6.22 -8.81 -27.99
N ASN A 310 -5.84 -10.09 -28.11
CA ASN A 310 -4.80 -10.46 -29.04
C ASN A 310 -3.43 -9.84 -28.74
N VAL A 311 -3.14 -9.56 -27.47
CA VAL A 311 -1.79 -9.21 -27.04
C VAL A 311 -0.88 -10.39 -27.41
N GLN A 312 0.30 -10.11 -27.92
CA GLN A 312 1.19 -11.13 -28.48
C GLN A 312 2.46 -11.02 -27.64
N PRO A 313 2.59 -11.78 -26.57
CA PRO A 313 3.79 -11.67 -25.71
C PRO A 313 5.08 -11.81 -26.52
N TYR A 314 6.03 -10.92 -26.24
CA TYR A 314 7.30 -10.85 -26.93
C TYR A 314 8.34 -11.88 -26.42
N ILE A 315 8.85 -12.70 -27.33
CA ILE A 315 9.86 -13.70 -26.98
C ILE A 315 11.12 -13.32 -27.74
N HIS A 316 12.18 -13.07 -26.96
CA HIS A 316 13.48 -12.61 -27.44
C HIS A 316 14.10 -13.75 -28.25
N LYS A 317 14.29 -14.90 -27.60
CA LYS A 317 14.82 -16.08 -28.26
C LYS A 317 14.23 -17.37 -27.65
N THR A 318 13.85 -18.28 -28.54
CA THR A 318 13.34 -19.59 -28.22
C THR A 318 14.32 -20.67 -28.62
N PHE A 319 14.75 -21.47 -27.64
CA PHE A 319 15.69 -22.56 -27.79
C PHE A 319 14.96 -23.92 -27.81
N GLY A 320 15.60 -24.93 -28.39
CA GLY A 320 15.15 -26.33 -28.31
C GLY A 320 15.41 -26.95 -26.94
N PHE A 321 15.14 -28.24 -26.85
CA PHE A 321 15.17 -28.98 -25.59
C PHE A 321 16.41 -29.89 -25.33
N THR A 322 17.40 -29.88 -26.25
CA THR A 322 18.65 -30.71 -26.08
C THR A 322 19.49 -30.05 -25.01
N GLU A 323 20.44 -30.77 -24.42
CA GLU A 323 21.23 -30.18 -23.30
C GLU A 323 21.94 -28.86 -23.62
N ASN A 324 22.60 -28.79 -24.77
CA ASN A 324 23.34 -27.60 -25.15
C ASN A 324 22.37 -26.39 -25.34
N GLU A 325 21.23 -26.65 -25.96
CA GLU A 325 20.19 -25.65 -26.07
C GLU A 325 19.68 -25.16 -24.72
N VAL A 326 19.37 -26.08 -23.81
CA VAL A 326 18.84 -25.68 -22.51
C VAL A 326 19.86 -24.80 -21.75
N MET A 327 21.13 -25.17 -21.78
CA MET A 327 22.19 -24.37 -21.15
C MET A 327 22.36 -23.06 -21.87
N ALA A 328 22.24 -23.03 -23.19
CA ALA A 328 22.37 -21.74 -23.87
C ALA A 328 21.24 -20.80 -23.45
N ALA A 329 20.03 -21.34 -23.32
CA ALA A 329 18.92 -20.52 -22.83
C ALA A 329 19.15 -20.02 -21.39
N PHE A 330 19.55 -20.89 -20.47
CA PHE A 330 19.86 -20.45 -19.09
C PHE A 330 21.01 -19.43 -19.05
N ASP A 331 22.04 -19.68 -19.84
CA ASP A 331 23.18 -18.75 -19.94
C ASP A 331 22.73 -17.34 -20.34
N LEU A 332 21.92 -17.25 -21.39
CA LEU A 332 21.30 -15.98 -21.84
C LEU A 332 20.47 -15.33 -20.75
N GLN A 333 19.63 -16.10 -20.07
CA GLN A 333 18.90 -15.53 -18.93
C GLN A 333 19.83 -14.91 -17.84
N ASN A 334 20.96 -15.53 -17.60
CA ASN A 334 21.92 -15.02 -16.60
C ASN A 334 22.69 -13.77 -17.03
N SER A 335 22.96 -13.64 -18.33
CA SER A 335 23.83 -12.57 -18.86
C SER A 335 23.28 -11.16 -18.64
N GLY A 336 21.95 -11.05 -18.51
CA GLY A 336 21.27 -9.77 -18.49
C GLY A 336 21.17 -9.05 -19.82
N LYS A 337 21.62 -9.64 -20.92
CA LYS A 337 21.61 -8.98 -22.22
C LYS A 337 20.25 -9.11 -22.97
N GLN A 338 19.35 -9.91 -22.43
CA GLN A 338 18.06 -10.20 -23.05
C GLN A 338 17.12 -9.03 -22.80
N ILE A 339 16.20 -8.82 -23.73
CA ILE A 339 15.00 -8.00 -23.54
C ILE A 339 13.77 -8.91 -23.27
N GLY A 340 13.21 -8.84 -22.04
CA GLY A 340 11.93 -9.59 -21.72
C GLY A 340 12.12 -11.08 -21.48
N LYS A 341 11.54 -11.95 -22.34
CA LYS A 341 11.52 -13.43 -22.09
C LYS A 341 12.45 -14.28 -22.96
N VAL A 342 13.11 -15.27 -22.30
CA VAL A 342 13.83 -16.36 -22.97
C VAL A 342 12.94 -17.61 -22.90
N GLY A 343 12.78 -18.26 -24.04
CA GLY A 343 11.87 -19.40 -24.20
C GLY A 343 12.61 -20.69 -24.57
N ILE A 344 11.93 -21.80 -24.27
CA ILE A 344 12.36 -23.15 -24.53
C ILE A 344 11.19 -23.98 -25.10
N ALA A 345 11.36 -24.47 -26.32
CA ALA A 345 10.37 -25.30 -26.98
C ALA A 345 10.63 -26.73 -26.62
N VAL A 346 9.92 -27.25 -25.64
CA VAL A 346 10.01 -28.66 -25.23
C VAL A 346 9.56 -29.59 -26.40
N LYS A 347 8.53 -29.21 -27.16
CA LYS A 347 8.14 -29.85 -28.44
C LYS A 347 8.31 -28.92 -29.64
N ASP A 348 8.76 -29.51 -30.77
CA ASP A 348 8.57 -29.06 -32.19
C ASP A 348 9.58 -29.71 -33.13
N THR B 3 -15.33 42.09 20.59
CA THR B 3 -16.35 41.31 19.79
C THR B 3 -15.79 39.97 19.20
N ASN B 4 -14.55 39.87 18.68
CA ASN B 4 -13.92 38.52 18.43
C ASN B 4 -12.63 38.24 19.23
N THR B 5 -12.68 37.36 20.22
CA THR B 5 -11.46 37.00 20.94
C THR B 5 -10.80 35.86 20.24
N VAL B 6 -9.56 36.07 19.84
CA VAL B 6 -8.76 35.09 19.14
C VAL B 6 -7.45 34.83 19.88
N TYR B 7 -6.83 33.68 19.58
CA TYR B 7 -5.41 33.47 19.97
C TYR B 7 -4.51 33.40 18.74
N ARG B 8 -3.39 34.13 18.76
CA ARG B 8 -2.45 34.13 17.64
C ARG B 8 -1.02 33.92 18.15
N ILE B 9 -0.20 33.29 17.30
CA ILE B 9 1.21 33.09 17.61
C ILE B 9 2.01 33.47 16.39
N ASN B 10 3.07 34.24 16.64
CA ASN B 10 4.03 34.64 15.60
C ASN B 10 5.49 34.22 15.90
N ASP B 11 5.84 33.94 17.16
CA ASP B 11 7.15 33.40 17.49
C ASP B 11 7.01 31.89 17.87
N ARG B 12 7.21 31.03 16.89
CA ARG B 12 6.95 29.60 17.03
C ARG B 12 8.13 28.81 17.62
N THR B 13 8.37 29.09 18.90
CA THR B 13 9.36 28.36 19.70
C THR B 13 8.72 27.70 20.93
N SER B 14 7.45 28.01 21.20
CA SER B 14 6.72 27.42 22.32
C SER B 14 5.25 27.86 22.18
N HIS B 15 4.34 26.95 22.50
CA HIS B 15 2.95 27.34 22.67
C HIS B 15 2.68 28.45 23.74
N HIS B 16 3.63 28.68 24.66
CA HIS B 16 3.55 29.85 25.63
C HIS B 16 3.66 31.22 24.98
N ASN B 17 3.98 31.28 23.70
CA ASN B 17 3.96 32.53 22.92
C ASN B 17 2.62 32.87 22.28
N LEU B 18 1.57 32.10 22.54
CA LEU B 18 0.24 32.47 22.06
C LEU B 18 -0.21 33.67 22.87
N VAL B 19 -0.81 34.64 22.19
CA VAL B 19 -1.31 35.88 22.79
C VAL B 19 -2.84 35.96 22.55
N ARG B 20 -3.61 36.22 23.61
CA ARG B 20 -5.03 36.55 23.50
C ARG B 20 -5.26 37.96 22.96
N LEU B 21 -5.93 38.10 21.82
CA LEU B 21 -6.24 39.41 21.20
C LEU B 21 -7.73 39.59 21.07
N ASN B 22 -8.27 40.80 21.28
CA ASN B 22 -9.67 41.12 20.94
C ASN B 22 -9.71 41.82 19.59
N GLU B 23 -10.47 41.28 18.63
CA GLU B 23 -10.41 41.75 17.24
C GLU B 23 -11.79 42.13 16.82
N PRO B 24 -11.93 43.00 15.80
CA PRO B 24 -13.29 43.18 15.29
C PRO B 24 -13.88 41.87 14.71
N LEU B 25 -15.20 41.78 14.77
CA LEU B 25 -15.93 40.63 14.29
C LEU B 25 -15.66 40.54 12.79
N PRO B 26 -15.26 39.38 12.29
CA PRO B 26 -14.99 39.34 10.87
C PRO B 26 -16.26 39.55 10.06
N SER B 27 -16.17 40.31 8.99
CA SER B 27 -17.25 40.32 8.00
C SER B 27 -16.99 39.16 7.03
N VAL B 28 -18.01 38.70 6.34
CA VAL B 28 -17.87 37.51 5.51
C VAL B 28 -17.92 37.82 4.03
N HIS B 29 -17.05 37.17 3.24
CA HIS B 29 -17.11 37.32 1.76
C HIS B 29 -18.32 36.51 1.25
N GLY B 30 -18.71 36.65 -0.01
CA GLY B 30 -20.00 36.13 -0.52
C GLY B 30 -20.18 34.60 -0.50
N HIS B 31 -19.07 33.91 -0.60
CA HIS B 31 -19.02 32.45 -0.63
C HIS B 31 -18.77 31.90 0.76
N GLU B 32 -18.56 32.79 1.75
CA GLU B 32 -18.19 32.37 3.11
C GLU B 32 -19.38 32.30 4.04
N VAL B 33 -19.08 31.69 5.18
CA VAL B 33 -20.00 31.58 6.27
C VAL B 33 -19.21 32.02 7.54
N LEU B 34 -19.89 32.57 8.55
CA LEU B 34 -19.22 32.91 9.81
C LEU B 34 -19.60 31.85 10.78
N VAL B 35 -18.62 31.14 11.35
CA VAL B 35 -18.92 30.10 12.35
C VAL B 35 -18.63 30.62 13.76
N GLU B 36 -19.64 30.62 14.61
CA GLU B 36 -19.43 30.69 16.05
C GLU B 36 -18.90 29.35 16.57
N ILE B 37 -17.63 29.35 16.96
CA ILE B 37 -16.93 28.15 17.38
C ILE B 37 -17.28 27.92 18.83
N ARG B 38 -17.85 26.76 19.11
CA ARG B 38 -18.20 26.39 20.46
C ARG B 38 -17.30 25.40 21.10
N GLY B 39 -16.76 24.48 20.31
CA GLY B 39 -15.87 23.48 20.86
C GLY B 39 -14.68 23.30 19.93
N VAL B 40 -13.52 23.08 20.55
CA VAL B 40 -12.26 22.82 19.92
C VAL B 40 -11.61 21.59 20.60
N THR B 41 -10.76 20.88 19.85
CA THR B 41 -9.87 19.86 20.40
C THR B 41 -8.47 20.12 19.92
N LEU B 42 -7.50 19.74 20.75
CA LEU B 42 -6.07 19.83 20.39
C LEU B 42 -5.56 18.59 19.64
N ASN B 43 -4.38 18.70 19.04
CA ASN B 43 -3.70 17.58 18.37
C ASN B 43 -2.20 17.77 18.58
N ALA B 44 -1.39 16.72 18.47
CA ALA B 44 0.09 16.87 18.56
C ALA B 44 0.56 17.87 17.56
N ARG B 45 -0.06 17.86 16.38
CA ARG B 45 0.33 18.84 15.33
C ARG B 45 0.42 20.29 15.84
N ASP B 46 -0.45 20.66 16.77
CA ASP B 46 -0.51 22.02 17.31
C ASP B 46 0.72 22.32 18.18
N ILE B 47 1.14 21.36 18.99
CA ILE B 47 2.44 21.46 19.72
C ILE B 47 3.61 21.58 18.72
N GLN B 48 3.68 20.67 17.75
CA GLN B 48 4.73 20.67 16.71
C GLN B 48 4.77 22.07 16.03
N ILE B 49 3.62 22.59 15.60
CA ILE B 49 3.55 23.90 14.94
C ILE B 49 3.90 25.11 15.86
N CYS B 50 3.42 25.10 17.08
CA CYS B 50 3.68 26.17 18.03
C CYS B 50 5.12 26.16 18.54
N GLY B 51 5.71 24.96 18.57
CA GLY B 51 7.08 24.75 18.98
C GLY B 51 8.12 24.79 17.86
N GLY B 52 7.69 24.98 16.63
CA GLY B 52 8.61 25.11 15.50
C GLY B 52 9.17 23.83 14.91
N PHE B 53 8.61 22.65 15.22
CA PHE B 53 9.14 21.37 14.72
C PHE B 53 8.11 20.57 13.91
N TYR B 54 7.61 21.23 12.87
CA TYR B 54 6.57 20.67 12.03
C TYR B 54 7.13 20.49 10.61
N PRO B 55 7.25 19.22 10.13
CA PRO B 55 7.87 18.90 8.83
C PRO B 55 7.00 19.26 7.61
N ALA B 56 7.65 19.67 6.52
CA ALA B 56 6.97 20.12 5.29
C ALA B 56 6.12 21.34 5.66
N ALA B 57 5.05 21.57 4.89
CA ALA B 57 3.98 22.49 5.28
C ALA B 57 4.23 23.99 5.05
N ALA B 58 5.03 24.65 5.90
CA ALA B 58 5.06 26.12 5.94
C ALA B 58 3.75 26.68 6.54
N VAL B 59 3.93 27.52 7.53
CA VAL B 59 2.90 27.94 8.42
C VAL B 59 2.79 29.44 8.22
N LYS B 60 1.58 29.98 8.24
CA LYS B 60 1.41 31.42 8.15
C LYS B 60 1.90 32.17 9.42
N ASP B 61 2.33 33.40 9.22
CA ASP B 61 2.51 34.32 10.34
C ASP B 61 1.18 34.64 11.05
N ASN B 62 1.29 35.03 12.33
CA ASN B 62 0.13 35.52 13.06
C ASN B 62 -0.96 34.46 13.06
N LEU B 63 -0.57 33.25 13.45
CA LEU B 63 -1.42 32.09 13.33
C LEU B 63 -2.43 31.88 14.47
N VAL B 64 -3.70 31.77 14.10
CA VAL B 64 -4.67 31.14 14.99
C VAL B 64 -4.46 29.61 14.88
N PRO B 65 -4.06 28.94 15.97
CA PRO B 65 -3.75 27.54 15.84
C PRO B 65 -5.02 26.68 15.93
N CYS B 66 -4.84 25.37 15.73
CA CYS B 66 -5.84 24.30 15.91
C CYS B 66 -6.62 23.96 14.65
N SER B 67 -6.76 22.66 14.39
CA SER B 67 -7.48 22.15 13.23
C SER B 67 -8.96 21.89 13.48
N ASP B 68 -9.30 21.66 14.75
CA ASP B 68 -10.56 21.03 15.08
C ASP B 68 -11.57 22.05 15.61
N GLY B 69 -12.72 22.15 14.95
CA GLY B 69 -13.75 23.03 15.42
C GLY B 69 -15.15 22.66 15.01
N ALA B 70 -16.06 22.91 15.95
CA ALA B 70 -17.45 22.76 15.76
C ALA B 70 -18.18 23.87 16.49
N GLY B 71 -19.35 24.18 15.96
CA GLY B 71 -20.16 25.27 16.46
C GLY B 71 -21.37 25.55 15.59
N VAL B 72 -21.76 26.81 15.50
CA VAL B 72 -23.03 27.23 14.85
C VAL B 72 -22.79 28.36 13.81
N ILE B 73 -23.61 28.38 12.76
CA ILE B 73 -23.55 29.39 11.71
C ILE B 73 -24.13 30.65 12.30
N ALA B 74 -23.30 31.68 12.39
CA ALA B 74 -23.75 32.98 12.90
C ALA B 74 -24.12 33.94 11.76
N ALA B 75 -23.51 33.78 10.57
CA ALA B 75 -23.80 34.60 9.39
C ALA B 75 -23.46 33.88 8.08
N VAL B 76 -24.14 34.32 7.04
CA VAL B 76 -24.16 33.68 5.77
C VAL B 76 -23.88 34.75 4.69
N GLY B 77 -22.84 34.52 3.88
CA GLY B 77 -22.60 35.32 2.72
C GLY B 77 -23.71 35.25 1.67
N ASP B 78 -23.74 36.26 0.79
CA ASP B 78 -24.86 36.43 -0.15
C ASP B 78 -25.00 35.41 -1.31
N ALA B 79 -23.99 34.56 -1.52
CA ALA B 79 -23.99 33.58 -2.56
C ALA B 79 -24.21 32.18 -2.03
N VAL B 80 -24.32 32.05 -0.70
CA VAL B 80 -24.40 30.73 -0.05
C VAL B 80 -25.83 30.21 -0.04
N ASN B 81 -25.99 28.95 -0.43
CA ASN B 81 -27.31 28.34 -0.65
C ASN B 81 -27.92 27.45 0.42
N ASP B 82 -27.13 26.58 1.03
CA ASP B 82 -27.74 25.47 1.76
C ASP B 82 -27.38 25.50 3.23
N LEU B 83 -27.25 26.70 3.79
CA LEU B 83 -26.85 26.84 5.19
C LEU B 83 -27.58 28.03 5.72
N GLU B 84 -28.00 27.99 6.96
CA GLU B 84 -28.63 29.17 7.52
C GLU B 84 -28.22 29.35 8.95
N ILE B 85 -28.59 30.47 9.52
CA ILE B 85 -28.12 30.84 10.83
C ILE B 85 -28.67 29.83 11.85
N GLY B 86 -27.80 29.34 12.74
CA GLY B 86 -28.18 28.29 13.70
C GLY B 86 -27.90 26.85 13.32
N ASP B 87 -27.56 26.56 12.06
CA ASP B 87 -27.11 25.18 11.68
C ASP B 87 -25.85 24.75 12.45
N ARG B 88 -25.82 23.51 12.93
CA ARG B 88 -24.63 23.02 13.66
C ARG B 88 -23.70 22.48 12.64
N VAL B 89 -22.43 22.82 12.79
CA VAL B 89 -21.44 22.55 11.79
C VAL B 89 -20.11 22.16 12.41
N ILE B 90 -19.38 21.36 11.62
CA ILE B 90 -17.95 21.10 11.79
C ILE B 90 -17.29 21.78 10.60
N ILE B 91 -16.03 22.17 10.78
CA ILE B 91 -15.22 22.64 9.66
C ILE B 91 -14.23 21.56 9.20
N ASN B 92 -14.27 21.29 7.91
CA ASN B 92 -13.32 20.35 7.32
C ASN B 92 -11.91 20.82 7.65
N ILE B 93 -10.99 19.87 7.90
CA ILE B 93 -9.59 20.18 8.14
C ILE B 93 -8.95 21.08 7.04
N SER B 94 -9.30 20.88 5.78
CA SER B 94 -8.75 21.75 4.75
C SER B 94 -9.90 22.40 4.01
N PHE B 95 -9.68 23.60 3.48
CA PHE B 95 -10.73 24.27 2.69
C PHE B 95 -10.86 23.70 1.27
N ASP B 96 -9.78 23.11 0.75
CA ASP B 96 -9.76 22.72 -0.64
C ASP B 96 -9.97 21.21 -0.89
N ASN B 97 -9.71 20.35 0.10
CA ASN B 97 -9.67 18.91 -0.16
C ASN B 97 -11.01 18.23 0.00
N LEU B 98 -11.85 18.41 -1.02
CA LEU B 98 -13.21 17.92 -0.97
C LEU B 98 -13.28 16.43 -1.28
N TYR B 99 -12.42 15.99 -2.16
CA TYR B 99 -12.38 14.63 -2.62
C TYR B 99 -11.03 14.32 -3.13
N GLY B 100 -10.69 13.05 -3.07
CA GLY B 100 -9.44 12.58 -3.55
C GLY B 100 -8.34 12.88 -2.58
N PRO B 101 -7.10 12.59 -3.02
CA PRO B 101 -5.94 12.72 -2.12
C PRO B 101 -5.62 14.19 -1.82
N LEU B 102 -5.12 14.47 -0.62
CA LEU B 102 -4.67 15.85 -0.26
C LEU B 102 -3.51 16.34 -1.14
N LYS B 103 -3.63 17.52 -1.75
CA LYS B 103 -2.53 17.94 -2.66
C LYS B 103 -1.59 19.04 -2.12
N SER B 104 -1.99 19.78 -1.08
CA SER B 104 -1.03 20.54 -0.26
C SER B 104 -1.62 20.83 1.11
N GLN B 105 -0.89 21.63 1.90
CA GLN B 105 -1.36 22.14 3.20
C GLN B 105 -1.56 23.65 3.27
N LYS B 106 -1.65 24.30 2.10
CA LYS B 106 -1.90 25.73 2.02
C LYS B 106 -3.24 26.08 2.67
N TYR B 107 -4.25 25.20 2.59
CA TYR B 107 -5.57 25.54 3.18
C TYR B 107 -5.95 24.72 4.42
N MET B 108 -4.95 24.22 5.12
CA MET B 108 -5.16 23.41 6.29
C MET B 108 -5.34 24.26 7.55
N LEU B 109 -6.47 24.11 8.23
CA LEU B 109 -6.75 24.90 9.41
C LEU B 109 -5.62 24.77 10.44
N GLY B 110 -5.20 25.92 11.01
CA GLY B 110 -4.16 25.95 12.05
C GLY B 110 -2.69 25.80 11.63
N GLY B 111 -2.43 26.02 10.34
CA GLY B 111 -1.09 25.94 9.76
C GLY B 111 -1.01 26.83 8.52
N GLY B 112 -1.66 26.43 7.43
CA GLY B 112 -1.67 27.26 6.21
C GLY B 112 -2.64 28.44 6.29
N VAL B 113 -3.82 28.21 6.84
CA VAL B 113 -4.83 29.22 7.15
C VAL B 113 -5.08 29.27 8.66
N ASP B 114 -5.65 30.37 9.12
CA ASP B 114 -6.04 30.45 10.51
C ASP B 114 -7.01 29.29 10.97
N GLY B 115 -6.74 28.79 12.18
CA GLY B 115 -7.43 27.63 12.73
C GLY B 115 -8.66 27.96 13.55
N THR B 116 -8.88 27.19 14.63
CA THR B 116 -10.17 27.23 15.27
C THR B 116 -10.15 27.80 16.67
N LEU B 117 -8.99 28.22 17.16
CA LEU B 117 -8.92 28.72 18.55
C LEU B 117 -9.25 30.23 18.54
N ARG B 118 -10.54 30.52 18.42
CA ARG B 118 -11.12 31.86 18.31
C ARG B 118 -12.63 31.71 18.39
N GLN B 119 -13.31 32.78 18.78
CA GLN B 119 -14.77 32.73 18.95
C GLN B 119 -15.51 32.68 17.61
N TYR B 120 -14.99 33.35 16.59
CA TYR B 120 -15.67 33.38 15.32
C TYR B 120 -14.70 33.17 14.22
N ALA B 121 -15.16 32.49 13.15
CA ALA B 121 -14.30 32.20 12.02
C ALA B 121 -15.05 32.25 10.69
N ALA B 122 -14.49 32.99 9.74
CA ALA B 122 -15.07 33.13 8.42
C ALA B 122 -14.41 32.08 7.58
N VAL B 123 -15.20 31.15 7.01
CA VAL B 123 -14.67 30.04 6.23
C VAL B 123 -15.51 29.86 4.97
N PRO B 124 -14.90 29.43 3.84
CA PRO B 124 -15.76 29.18 2.69
C PRO B 124 -16.84 28.13 3.05
N ALA B 125 -18.06 28.36 2.59
CA ALA B 125 -19.18 27.39 2.70
C ALA B 125 -18.85 25.95 2.27
N HIS B 126 -18.07 25.79 1.21
CA HIS B 126 -17.78 24.49 0.66
C HIS B 126 -16.92 23.69 1.69
N ALA B 127 -16.34 24.36 2.69
CA ALA B 127 -15.58 23.66 3.73
C ALA B 127 -16.42 23.19 4.92
N ILE B 128 -17.71 23.46 4.92
CA ILE B 128 -18.60 23.17 6.03
C ILE B 128 -19.21 21.76 5.91
N ILE B 129 -19.24 21.05 7.04
CA ILE B 129 -19.91 19.76 7.15
C ILE B 129 -21.02 19.93 8.16
N LYS B 130 -22.23 19.69 7.71
CA LYS B 130 -23.44 19.76 8.53
C LYS B 130 -23.51 18.59 9.47
N VAL B 131 -23.83 18.90 10.71
CA VAL B 131 -23.93 17.91 11.75
C VAL B 131 -25.33 17.36 11.61
N PRO B 132 -25.50 16.03 11.56
CA PRO B 132 -26.88 15.58 11.47
C PRO B 132 -27.76 16.06 12.63
N VAL B 133 -29.03 16.34 12.29
CA VAL B 133 -30.02 16.92 13.17
C VAL B 133 -30.16 16.11 14.44
N ASP B 134 -30.16 14.79 14.30
CA ASP B 134 -30.30 13.88 15.44
C ASP B 134 -29.02 13.67 16.28
N CYS B 135 -27.87 14.22 15.89
CA CYS B 135 -26.65 13.95 16.64
C CYS B 135 -26.78 14.50 18.06
N LYS B 136 -26.48 13.70 19.07
CA LYS B 136 -26.65 14.14 20.45
C LYS B 136 -25.29 14.44 21.08
N LEU B 137 -24.27 14.70 20.29
CA LEU B 137 -22.93 14.99 20.83
C LEU B 137 -22.71 16.44 21.15
N ASP B 138 -21.87 16.71 22.15
CA ASP B 138 -21.45 18.08 22.39
C ASP B 138 -20.44 18.58 21.32
N TYR B 139 -20.21 19.91 21.33
CA TYR B 139 -19.39 20.57 20.32
C TYR B 139 -17.93 20.15 20.36
N VAL B 140 -17.42 19.87 21.55
CA VAL B 140 -16.06 19.43 21.72
C VAL B 140 -15.85 18.01 21.14
N GLN B 141 -16.80 17.12 21.39
CA GLN B 141 -16.81 15.79 20.76
C GLN B 141 -16.84 15.86 19.23
N LEU B 142 -17.72 16.73 18.72
CA LEU B 142 -17.90 16.98 17.28
C LEU B 142 -16.59 17.43 16.67
N ALA B 143 -15.91 18.31 17.40
CA ALA B 143 -14.68 18.85 16.92
C ALA B 143 -13.55 17.77 16.79
N SER B 144 -13.51 16.86 17.76
CA SER B 144 -12.55 15.76 17.78
C SER B 144 -12.62 14.85 16.50
N LEU B 145 -13.74 14.85 15.78
CA LEU B 145 -13.82 14.14 14.52
C LEU B 145 -12.96 14.75 13.41
N VAL B 146 -12.51 15.99 13.56
CA VAL B 146 -11.90 16.71 12.42
C VAL B 146 -10.53 16.15 11.95
N CYS B 147 -9.65 15.84 12.89
CA CYS B 147 -8.29 15.42 12.60
C CYS B 147 -8.12 13.92 12.78
N THR B 148 -8.24 13.46 14.02
CA THR B 148 -8.03 12.07 14.30
C THR B 148 -9.12 11.25 13.61
N GLY B 149 -10.36 11.68 13.69
CA GLY B 149 -11.45 10.94 13.06
C GLY B 149 -11.28 10.86 11.53
N ALA B 150 -10.92 11.98 10.89
CA ALA B 150 -10.76 11.97 9.45
C ALA B 150 -9.56 11.08 9.07
N THR B 151 -8.51 11.12 9.85
CA THR B 151 -7.32 10.34 9.56
C THR B 151 -7.56 8.79 9.65
N VAL B 152 -8.26 8.35 10.71
CA VAL B 152 -8.61 6.96 10.91
C VAL B 152 -9.55 6.49 9.85
N TRP B 153 -10.54 7.28 9.46
CA TRP B 153 -11.48 6.81 8.46
C TRP B 153 -10.75 6.59 7.11
N ASN B 154 -9.80 7.48 6.83
CA ASN B 154 -9.02 7.39 5.63
C ASN B 154 -8.17 6.11 5.65
N ALA B 155 -7.56 5.84 6.79
CA ALA B 155 -6.73 4.63 7.00
C ALA B 155 -7.54 3.37 6.75
N LEU B 156 -8.77 3.30 7.25
CA LEU B 156 -9.52 2.07 7.23
C LEU B 156 -10.47 1.94 6.06
N TYR B 157 -10.91 3.05 5.50
CA TYR B 157 -11.97 3.06 4.48
C TYR B 157 -11.64 3.88 3.24
N GLY B 158 -10.47 4.50 3.17
CA GLY B 158 -10.14 5.39 2.08
C GLY B 158 -9.46 4.75 0.92
N TYR B 159 -8.86 3.58 1.13
CA TYR B 159 -8.16 2.84 0.11
C TYR B 159 -8.82 1.47 -0.09
N VAL B 160 -8.36 0.40 0.53
CA VAL B 160 -9.10 -0.82 0.46
C VAL B 160 -9.84 -0.88 1.80
N PRO B 161 -11.15 -1.09 1.74
CA PRO B 161 -11.93 -0.93 2.97
C PRO B 161 -11.83 -2.13 3.96
N MET B 162 -11.83 -1.82 5.24
CA MET B 162 -12.00 -2.84 6.31
C MET B 162 -13.26 -3.68 6.15
N LYS B 163 -13.10 -4.99 6.24
CA LYS B 163 -14.22 -5.94 6.42
C LYS B 163 -14.55 -6.24 7.90
N PRO B 164 -15.83 -6.48 8.23
CA PRO B 164 -16.17 -6.87 9.61
C PRO B 164 -15.42 -8.07 10.07
N GLY B 165 -15.04 -8.09 11.35
CA GLY B 165 -14.27 -9.17 11.90
C GLY B 165 -12.76 -9.15 11.77
N GLN B 166 -12.22 -8.24 10.94
CA GLN B 166 -10.80 -8.08 10.82
C GLN B 166 -10.22 -7.47 12.09
N THR B 167 -8.92 -7.54 12.22
CA THR B 167 -8.23 -7.12 13.42
C THR B 167 -7.47 -5.83 13.18
N VAL B 168 -7.72 -4.83 14.01
CA VAL B 168 -6.92 -3.60 13.93
C VAL B 168 -5.95 -3.44 15.14
N LEU B 169 -4.69 -3.11 14.83
CA LEU B 169 -3.69 -2.80 15.82
C LEU B 169 -3.46 -1.29 15.95
N PHE B 170 -3.57 -0.80 17.19
CA PHE B 170 -3.32 0.59 17.52
C PHE B 170 -2.08 0.72 18.43
N GLN B 171 -1.18 1.64 18.07
CA GLN B 171 0.05 1.89 18.80
C GLN B 171 -0.12 3.03 19.79
N GLY B 172 -0.05 2.75 21.09
CA GLY B 172 -0.11 3.78 22.12
C GLY B 172 -1.56 4.16 22.34
N THR B 173 -1.76 5.23 23.14
CA THR B 173 -3.08 5.60 23.63
C THR B 173 -3.38 7.08 23.44
N GLY B 174 -2.79 7.64 22.40
CA GLY B 174 -3.07 9.03 21.99
C GLY B 174 -4.39 9.25 21.22
N GLY B 175 -4.51 10.45 20.65
CA GLY B 175 -5.71 10.83 19.91
C GLY B 175 -6.12 9.88 18.79
N VAL B 176 -5.19 9.58 17.89
CA VAL B 176 -5.46 8.73 16.74
C VAL B 176 -5.93 7.34 17.20
N SER B 177 -5.21 6.76 18.16
CA SER B 177 -5.46 5.41 18.67
C SER B 177 -6.82 5.32 19.31
N ILE B 178 -7.18 6.26 20.19
CA ILE B 178 -8.46 6.19 20.89
C ILE B 178 -9.61 6.48 19.97
N THR B 179 -9.52 7.51 19.12
CA THR B 179 -10.56 7.76 18.13
C THR B 179 -10.72 6.50 17.28
N GLY B 180 -9.59 5.92 16.89
CA GLY B 180 -9.56 4.72 16.08
C GLY B 180 -10.24 3.53 16.70
N VAL B 181 -9.87 3.22 17.94
CA VAL B 181 -10.50 2.15 18.71
C VAL B 181 -12.00 2.27 18.72
N GLN B 182 -12.49 3.48 18.95
CA GLN B 182 -13.94 3.67 19.11
C GLN B 182 -14.64 3.45 17.76
N LEU B 183 -14.05 3.91 16.66
CA LEU B 183 -14.62 3.73 15.33
C LEU B 183 -14.51 2.26 14.90
N ALA B 184 -13.34 1.67 15.09
CA ALA B 184 -13.10 0.29 14.67
C ALA B 184 -14.02 -0.67 15.46
N LYS B 185 -14.08 -0.50 16.77
CA LYS B 185 -15.03 -1.28 17.57
C LYS B 185 -16.46 -1.15 17.08
N ALA B 186 -16.98 0.05 16.96
CA ALA B 186 -18.34 0.19 16.44
C ALA B 186 -18.58 -0.32 14.98
N ALA B 187 -17.54 -0.48 14.18
CA ALA B 187 -17.63 -1.17 12.88
C ALA B 187 -17.38 -2.72 12.91
N GLY B 188 -17.28 -3.33 14.09
CA GLY B 188 -17.12 -4.78 14.20
C GLY B 188 -15.74 -5.35 14.00
N ALA B 189 -14.72 -4.52 14.17
CA ALA B 189 -13.36 -4.99 14.22
C ALA B 189 -12.99 -5.58 15.57
N VAL B 190 -12.11 -6.58 15.59
CA VAL B 190 -11.33 -6.97 16.77
C VAL B 190 -10.22 -5.95 16.97
N THR B 191 -10.00 -5.46 18.20
CA THR B 191 -9.03 -4.37 18.45
C THR B 191 -7.90 -4.77 19.39
N ILE B 192 -6.69 -4.36 19.05
CA ILE B 192 -5.55 -4.58 19.93
C ILE B 192 -4.87 -3.24 20.12
N VAL B 193 -4.48 -2.98 21.36
CA VAL B 193 -3.89 -1.69 21.74
C VAL B 193 -2.65 -1.94 22.54
N THR B 194 -1.66 -1.14 22.23
CA THR B 194 -0.32 -1.22 22.69
C THR B 194 -0.04 0.03 23.53
N SER B 195 0.80 -0.13 24.54
CA SER B 195 1.19 0.96 25.42
C SER B 195 2.47 0.77 26.21
N SER B 196 3.05 1.90 26.63
CA SER B 196 4.19 1.94 27.58
C SER B 196 3.75 1.73 29.03
N SER B 197 2.47 1.90 29.35
CA SER B 197 1.93 1.74 30.71
C SER B 197 0.75 0.74 30.85
N ASP B 198 0.82 -0.17 31.84
CA ASP B 198 -0.33 -1.04 32.20
C ASP B 198 -1.58 -0.30 32.73
N GLU B 199 -1.42 0.87 33.35
CA GLU B 199 -2.57 1.58 33.95
C GLU B 199 -3.37 2.21 32.85
N LYS B 200 -2.68 2.78 31.86
CA LYS B 200 -3.33 3.24 30.61
C LYS B 200 -4.05 2.08 29.90
N LEU B 201 -3.39 0.93 29.80
CA LEU B 201 -4.02 -0.28 29.24
C LEU B 201 -5.26 -0.78 30.00
N GLU B 202 -5.16 -0.92 31.34
CA GLU B 202 -6.35 -1.27 32.15
C GLU B 202 -7.47 -0.29 31.91
N PHE B 203 -7.16 1.00 31.97
CA PHE B 203 -8.17 2.04 31.72
C PHE B 203 -8.86 1.87 30.36
N VAL B 204 -8.05 1.69 29.31
CA VAL B 204 -8.51 1.56 27.93
C VAL B 204 -9.35 0.30 27.71
N LYS B 205 -8.93 -0.83 28.28
CA LYS B 205 -9.63 -2.10 28.04
C LYS B 205 -11.00 -2.04 28.65
N ASP B 206 -11.03 -1.51 29.87
CA ASP B 206 -12.25 -1.31 30.63
C ASP B 206 -13.20 -0.26 30.02
N LYS B 207 -12.68 0.91 29.70
CA LYS B 207 -13.56 1.96 29.16
C LYS B 207 -14.09 1.65 27.75
N PHE B 208 -13.28 1.04 26.90
CA PHE B 208 -13.64 0.90 25.49
C PHE B 208 -13.87 -0.52 25.02
N GLY B 209 -13.61 -1.52 25.87
CA GLY B 209 -13.86 -2.93 25.46
C GLY B 209 -12.90 -3.43 24.41
N VAL B 210 -11.65 -2.99 24.50
CA VAL B 210 -10.58 -3.42 23.65
C VAL B 210 -10.35 -4.92 23.88
N ASP B 211 -10.15 -5.64 22.77
CA ASP B 211 -10.01 -7.08 22.82
C ASP B 211 -8.71 -7.55 23.45
N HIS B 212 -7.57 -6.98 23.06
CA HIS B 212 -6.28 -7.42 23.62
C HIS B 212 -5.38 -6.23 23.83
N VAL B 213 -4.60 -6.29 24.92
CA VAL B 213 -3.66 -5.21 25.26
C VAL B 213 -2.26 -5.77 25.42
N ILE B 214 -1.25 -4.96 25.06
CA ILE B 214 0.14 -5.34 25.05
C ILE B 214 0.96 -4.15 25.52
N ASN B 215 1.83 -4.37 26.50
CA ASN B 215 2.72 -3.33 27.00
C ASN B 215 3.99 -3.47 26.15
N TYR B 216 4.32 -2.48 25.31
CA TYR B 216 5.53 -2.56 24.46
C TYR B 216 6.86 -2.29 25.21
N LYS B 217 6.79 -1.99 26.51
CA LYS B 217 8.00 -1.96 27.37
C LYS B 217 8.21 -3.32 28.02
N THR B 218 7.18 -3.87 28.66
CA THR B 218 7.23 -5.22 29.20
C THR B 218 7.49 -6.23 28.07
N THR B 219 6.71 -6.14 26.97
CA THR B 219 6.85 -7.03 25.81
C THR B 219 7.31 -6.24 24.58
N PRO B 220 8.61 -5.92 24.52
CA PRO B 220 9.14 -5.20 23.34
C PRO B 220 9.11 -5.99 22.00
N ASN B 221 9.00 -7.33 22.04
CA ASN B 221 8.66 -8.12 20.83
C ASN B 221 7.13 -8.28 20.71
N TRP B 222 6.49 -7.17 20.39
CA TRP B 222 5.04 -7.08 20.42
C TRP B 222 4.42 -7.70 19.18
N ALA B 223 5.16 -7.71 18.08
CA ALA B 223 4.70 -8.36 16.85
C ALA B 223 4.34 -9.82 17.11
N GLU B 224 5.20 -10.51 17.86
CA GLU B 224 4.94 -11.87 18.35
C GLU B 224 3.63 -12.00 19.10
N GLU B 225 3.42 -11.12 20.08
CA GLU B 225 2.15 -11.11 20.83
C GLU B 225 0.92 -10.91 19.92
N VAL B 226 1.04 -10.04 18.91
CA VAL B 226 -0.05 -9.80 17.94
C VAL B 226 -0.38 -11.05 17.17
N ARG B 227 0.66 -11.75 16.65
CA ARG B 227 0.47 -13.04 15.92
C ARG B 227 -0.10 -14.13 16.82
N ARG B 228 0.40 -14.20 18.04
CA ARG B 228 -0.16 -15.10 19.05
C ARG B 228 -1.68 -14.87 19.22
N PHE B 229 -2.10 -13.62 19.40
CA PHE B 229 -3.51 -13.27 19.54
C PHE B 229 -4.36 -13.38 18.22
N THR B 230 -3.77 -13.34 17.04
CA THR B 230 -4.54 -13.53 15.78
C THR B 230 -4.39 -14.97 15.20
N ASN B 231 -4.10 -15.94 16.06
CA ASN B 231 -3.79 -17.35 15.67
C ASN B 231 -2.78 -17.47 14.49
N GLY B 232 -1.63 -16.81 14.65
CA GLY B 232 -0.62 -16.69 13.59
C GLY B 232 -0.94 -15.87 12.34
N GLU B 233 -2.13 -15.29 12.20
CA GLU B 233 -2.48 -14.57 10.96
C GLU B 233 -1.76 -13.20 10.86
N GLY B 234 -1.85 -12.38 11.91
CA GLY B 234 -1.40 -11.00 11.90
C GLY B 234 -2.60 -10.05 11.95
N ALA B 235 -2.29 -8.77 12.14
CA ALA B 235 -3.32 -7.73 12.15
C ALA B 235 -3.63 -7.38 10.71
N ASP B 236 -4.88 -7.07 10.41
CA ASP B 236 -5.24 -6.71 9.03
C ASP B 236 -4.91 -5.25 8.76
N TYR B 237 -5.01 -4.40 9.79
CA TYR B 237 -4.65 -3.00 9.73
C TYR B 237 -3.81 -2.67 10.93
N VAL B 238 -2.69 -1.97 10.69
CA VAL B 238 -1.90 -1.34 11.75
C VAL B 238 -2.05 0.18 11.62
N ILE B 239 -2.54 0.86 12.66
CA ILE B 239 -2.61 2.31 12.67
C ILE B 239 -1.27 2.76 13.22
N GLU B 240 -0.32 3.08 12.32
CA GLU B 240 1.09 3.26 12.68
C GLU B 240 1.48 4.71 13.00
N ILE B 241 1.89 4.97 14.26
CA ILE B 241 2.25 6.32 14.70
C ILE B 241 3.67 6.53 15.13
N GLY B 242 4.48 5.48 15.13
CA GLY B 242 5.89 5.60 15.48
C GLY B 242 6.84 5.86 14.33
N GLY B 243 6.44 5.38 13.14
CA GLY B 243 7.24 5.56 11.92
C GLY B 243 8.42 4.60 11.84
N ALA B 244 9.51 5.08 11.24
CA ALA B 244 10.75 4.27 11.09
C ALA B 244 11.18 3.53 12.35
N GLY B 245 11.11 4.21 13.51
CA GLY B 245 11.48 3.60 14.79
C GLY B 245 10.83 2.26 15.10
N THR B 246 9.56 2.11 14.76
CA THR B 246 8.80 0.88 15.04
C THR B 246 8.43 0.00 13.83
N ILE B 247 8.75 0.44 12.61
CA ILE B 247 8.14 -0.15 11.41
C ILE B 247 8.49 -1.61 11.19
N GLU B 248 9.65 -2.04 11.63
CA GLU B 248 9.98 -3.46 11.46
C GLU B 248 9.00 -4.34 12.23
N GLN B 249 8.79 -4.00 13.48
CA GLN B 249 7.80 -4.69 14.30
C GLN B 249 6.41 -4.67 13.63
N SER B 250 5.93 -3.51 13.24
CA SER B 250 4.60 -3.40 12.62
C SER B 250 4.42 -4.29 11.38
N ILE B 251 5.43 -4.33 10.54
CA ILE B 251 5.45 -5.20 9.41
C ILE B 251 5.36 -6.67 9.84
N GLN B 252 6.11 -7.04 10.86
CA GLN B 252 6.10 -8.44 11.34
C GLN B 252 4.77 -8.83 12.01
N ALA B 253 4.02 -7.83 12.51
CA ALA B 253 2.68 -8.02 13.06
C ALA B 253 1.57 -8.10 12.00
N THR B 254 1.88 -7.81 10.72
CA THR B 254 0.81 -7.62 9.72
C THR B 254 0.55 -8.90 8.95
N ALA B 255 -0.71 -9.24 8.74
CA ALA B 255 -1.06 -10.41 7.95
C ALA B 255 -0.65 -10.23 6.53
N SER B 256 -0.57 -11.35 5.86
CA SER B 256 -0.34 -11.34 4.44
C SER B 256 -1.55 -10.69 3.79
N GLY B 257 -1.31 -9.71 2.91
CA GLY B 257 -2.39 -8.95 2.27
C GLY B 257 -2.94 -7.82 3.16
N GLY B 258 -2.29 -7.53 4.30
CA GLY B 258 -2.78 -6.53 5.27
C GLY B 258 -2.31 -5.13 4.96
N MET B 259 -2.81 -4.14 5.71
CA MET B 259 -2.48 -2.71 5.43
C MET B 259 -1.85 -2.05 6.68
N ILE B 260 -0.70 -1.41 6.47
CA ILE B 260 -0.07 -0.57 7.50
C ILE B 260 -0.29 0.91 7.11
N ALA B 261 -1.21 1.58 7.81
CA ALA B 261 -1.46 3.03 7.67
C ALA B 261 -0.36 3.79 8.40
N VAL B 262 0.56 4.31 7.61
CA VAL B 262 1.62 5.15 8.12
C VAL B 262 1.08 6.55 8.35
N ILE B 263 0.94 6.90 9.63
CA ILE B 263 0.29 8.15 10.07
C ILE B 263 1.22 9.08 10.83
N GLY B 264 2.09 8.55 11.68
CA GLY B 264 3.03 9.33 12.45
C GLY B 264 4.48 8.92 12.40
N TYR B 265 5.27 9.72 13.11
CA TYR B 265 6.73 9.70 13.07
C TYR B 265 7.32 9.85 14.52
N LEU B 266 6.55 9.52 15.56
CA LEU B 266 6.89 9.81 16.98
C LEU B 266 8.08 9.07 17.59
N ALA B 267 8.54 7.97 17.01
CA ALA B 267 9.61 7.19 17.65
C ALA B 267 10.96 7.68 17.25
N ASP B 268 11.95 7.45 18.12
CA ASP B 268 13.35 7.73 17.81
C ASP B 268 13.83 6.64 16.87
N ILE B 269 14.73 6.98 15.96
CA ILE B 269 15.40 5.99 15.07
C ILE B 269 16.85 6.42 14.86
N LYS B 270 17.80 5.48 14.77
CA LYS B 270 19.19 5.78 14.40
C LYS B 270 19.55 5.14 13.07
N GLN B 271 20.24 5.88 12.21
CA GLN B 271 20.54 5.40 10.85
C GLN B 271 21.01 3.95 10.76
N GLU B 272 21.78 3.47 11.74
CA GLU B 272 22.31 2.10 11.73
C GLU B 272 21.23 1.04 12.03
N ASN B 273 20.13 1.48 12.65
CA ASN B 273 18.93 0.64 12.86
C ASN B 273 17.87 0.74 11.76
N MET B 274 17.92 1.75 10.88
CA MET B 274 17.00 1.86 9.75
C MET B 274 16.77 0.52 9.02
N PRO B 275 15.52 0.06 9.04
CA PRO B 275 15.20 -1.25 8.45
C PRO B 275 14.92 -1.18 6.93
N ASN B 276 15.27 -2.24 6.21
CA ASN B 276 14.94 -2.38 4.80
C ASN B 276 13.43 -2.67 4.60
N VAL B 277 12.66 -1.59 4.44
CA VAL B 277 11.22 -1.71 4.35
C VAL B 277 10.79 -2.48 3.08
N PRO B 278 11.36 -2.21 1.89
CA PRO B 278 10.85 -2.97 0.73
C PRO B 278 11.08 -4.46 0.86
N LEU B 279 12.22 -4.84 1.40
CA LEU B 279 12.53 -6.25 1.62
C LEU B 279 11.55 -6.89 2.62
N LEU B 280 11.32 -6.21 3.74
CA LEU B 280 10.39 -6.70 4.76
C LEU B 280 8.95 -6.76 4.20
N ALA B 281 8.50 -5.68 3.56
CA ALA B 281 7.19 -5.69 2.93
C ALA B 281 7.01 -6.85 1.93
N LEU B 282 8.03 -7.09 1.11
CA LEU B 282 7.98 -8.13 0.07
C LEU B 282 7.88 -9.53 0.67
N ILE B 283 8.67 -9.76 1.71
CA ILE B 283 8.57 -10.96 2.52
C ILE B 283 7.18 -11.15 3.16
N GLN B 284 6.67 -10.16 3.89
CA GLN B 284 5.34 -10.30 4.51
C GLN B 284 4.25 -10.31 3.49
N GLY B 285 4.44 -9.68 2.34
CA GLY B 285 3.38 -9.56 1.33
C GLY B 285 2.27 -8.63 1.80
N CYS B 286 2.63 -7.54 2.50
CA CYS B 286 1.68 -6.57 3.06
C CYS B 286 1.91 -5.19 2.43
N ALA B 287 1.02 -4.25 2.72
CA ALA B 287 1.09 -2.90 2.19
C ALA B 287 1.45 -1.83 3.26
N LEU B 288 2.08 -0.76 2.82
CA LEU B 288 2.21 0.46 3.62
C LEU B 288 1.64 1.60 2.85
N ARG B 289 0.95 2.48 3.55
CA ARG B 289 0.37 3.67 2.93
C ARG B 289 0.51 4.93 3.83
N GLY B 290 1.14 5.97 3.28
CA GLY B 290 1.12 7.30 3.86
C GLY B 290 -0.27 7.93 3.81
N VAL B 291 -0.85 8.17 4.98
CA VAL B 291 -2.19 8.70 5.16
C VAL B 291 -2.16 10.20 5.56
N GLN B 292 -2.74 11.07 4.70
CA GLN B 292 -2.73 12.52 4.84
C GLN B 292 -4.16 13.06 5.21
N ALA B 293 -4.41 13.14 6.53
CA ALA B 293 -5.75 13.42 7.08
C ALA B 293 -6.90 12.69 6.32
N GLY B 294 -7.75 13.39 5.64
CA GLY B 294 -8.83 12.77 4.92
C GLY B 294 -9.61 13.87 4.25
N SER B 295 -10.29 13.51 3.16
CA SER B 295 -11.09 14.46 2.38
C SER B 295 -12.43 14.78 3.06
N LYS B 296 -13.06 15.86 2.65
CA LYS B 296 -14.41 16.17 3.12
C LYS B 296 -15.42 15.04 2.84
N GLN B 297 -15.34 14.46 1.65
CA GLN B 297 -16.23 13.35 1.30
C GLN B 297 -16.14 12.27 2.36
N LEU B 298 -14.93 11.87 2.71
CA LEU B 298 -14.76 10.76 3.65
C LEU B 298 -15.07 11.09 5.09
N THR B 299 -14.63 12.26 5.53
CA THR B 299 -14.96 12.70 6.85
C THR B 299 -16.48 12.82 7.09
N THR B 300 -17.16 13.33 6.06
CA THR B 300 -18.61 13.31 6.07
C THR B 300 -19.21 11.91 6.36
N GLU B 301 -18.69 10.90 5.69
CA GLU B 301 -19.19 9.55 5.92
C GLU B 301 -18.92 9.12 7.33
N MET B 302 -17.73 9.41 7.85
CA MET B 302 -17.39 9.05 9.23
C MET B 302 -18.35 9.74 10.21
N VAL B 303 -18.65 11.00 9.94
CA VAL B 303 -19.59 11.75 10.75
C VAL B 303 -20.99 11.14 10.81
N ASN B 304 -21.53 10.77 9.65
CA ASN B 304 -22.83 10.10 9.52
C ASN B 304 -22.82 8.82 10.32
N PHE B 305 -21.70 8.10 10.30
CA PHE B 305 -21.57 6.86 11.02
C PHE B 305 -21.61 7.11 12.54
N VAL B 306 -20.79 8.04 13.01
CA VAL B 306 -20.76 8.42 14.41
C VAL B 306 -22.17 8.78 14.94
N SER B 307 -22.87 9.59 14.15
CA SER B 307 -24.15 10.07 14.48
C SER B 307 -25.18 8.97 14.41
N ARG B 308 -25.24 8.21 13.32
CA ARG B 308 -26.27 7.15 13.15
C ARG B 308 -26.06 6.00 14.15
N LYS B 309 -24.81 5.72 14.52
CA LYS B 309 -24.52 4.66 15.49
C LYS B 309 -24.23 5.11 16.91
N ASN B 310 -24.44 6.39 17.21
CA ASN B 310 -24.34 6.88 18.59
C ASN B 310 -22.99 6.57 19.26
N VAL B 311 -21.93 6.70 18.48
CA VAL B 311 -20.59 6.70 19.00
C VAL B 311 -20.38 8.03 19.72
N GLN B 312 -19.71 7.95 20.86
CA GLN B 312 -19.56 9.06 21.85
C GLN B 312 -18.07 9.28 22.02
N PRO B 313 -17.47 10.20 21.26
CA PRO B 313 -16.05 10.39 21.35
C PRO B 313 -15.61 10.71 22.77
N TYR B 314 -14.54 10.06 23.25
CA TYR B 314 -14.01 10.27 24.57
C TYR B 314 -13.15 11.55 24.65
N ILE B 315 -13.47 12.46 25.59
CA ILE B 315 -12.64 13.65 25.86
C ILE B 315 -12.05 13.49 27.26
N HIS B 316 -10.70 13.41 27.33
CA HIS B 316 -9.99 13.17 28.59
C HIS B 316 -10.29 14.31 29.54
N LYS B 317 -10.17 15.53 29.04
CA LYS B 317 -10.43 16.71 29.84
C LYS B 317 -10.74 17.88 28.93
N THR B 318 -11.72 18.68 29.35
CA THR B 318 -12.13 19.89 28.63
C THR B 318 -11.79 21.12 29.52
N PHE B 319 -11.03 22.08 28.99
CA PHE B 319 -10.66 23.32 29.67
C PHE B 319 -11.48 24.50 29.14
N GLY B 320 -11.58 25.56 29.95
CA GLY B 320 -12.21 26.82 29.53
C GLY B 320 -11.34 27.61 28.56
N PHE B 321 -11.76 28.85 28.28
CA PHE B 321 -11.18 29.64 27.16
C PHE B 321 -10.34 30.81 27.64
N THR B 322 -10.22 30.95 28.96
CA THR B 322 -9.36 32.01 29.51
C THR B 322 -7.90 31.67 29.18
N GLU B 323 -7.09 32.70 29.23
CA GLU B 323 -5.67 32.60 28.94
C GLU B 323 -5.01 31.45 29.73
N ASN B 324 -5.27 31.34 31.03
CA ASN B 324 -4.62 30.33 31.85
C ASN B 324 -5.11 28.94 31.52
N GLU B 325 -6.39 28.83 31.22
CA GLU B 325 -7.00 27.56 30.88
C GLU B 325 -6.50 27.03 29.53
N VAL B 326 -6.33 27.93 28.55
CA VAL B 326 -5.79 27.53 27.26
C VAL B 326 -4.38 27.01 27.39
N MET B 327 -3.56 27.75 28.13
CA MET B 327 -2.17 27.33 28.36
C MET B 327 -2.13 25.96 29.03
N ALA B 328 -2.95 25.76 30.05
CA ALA B 328 -2.99 24.46 30.72
C ALA B 328 -3.39 23.32 29.72
N ALA B 329 -4.31 23.60 28.80
CA ALA B 329 -4.77 22.59 27.83
C ALA B 329 -3.59 22.22 26.95
N PHE B 330 -2.85 23.22 26.47
CA PHE B 330 -1.67 22.97 25.69
C PHE B 330 -0.60 22.22 26.53
N ASP B 331 -0.38 22.57 27.79
CA ASP B 331 0.61 21.85 28.59
C ASP B 331 0.21 20.35 28.78
N LEU B 332 -1.07 20.08 29.05
CA LEU B 332 -1.54 18.68 29.09
C LEU B 332 -1.28 17.90 27.79
N GLN B 333 -1.63 18.49 26.63
CA GLN B 333 -1.44 17.83 25.30
C GLN B 333 0.05 17.44 25.05
N ASN B 334 0.94 18.29 25.55
CA ASN B 334 2.39 18.19 25.38
C ASN B 334 2.99 17.25 26.43
N SER B 335 2.25 16.97 27.51
CA SER B 335 2.76 16.13 28.60
C SER B 335 2.88 14.64 28.22
N GLY B 336 1.99 14.17 27.34
CA GLY B 336 1.86 12.72 27.11
C GLY B 336 1.05 11.97 28.18
N LYS B 337 0.62 12.62 29.26
CA LYS B 337 -0.17 11.96 30.30
C LYS B 337 -1.63 11.82 29.91
N GLN B 338 -2.08 12.41 28.81
CA GLN B 338 -3.48 12.30 28.36
C GLN B 338 -3.81 10.93 27.75
N ILE B 339 -5.06 10.46 27.92
CA ILE B 339 -5.63 9.39 27.13
C ILE B 339 -6.56 10.02 26.08
N GLY B 340 -6.18 9.90 24.80
CA GLY B 340 -7.01 10.39 23.66
C GLY B 340 -7.00 11.90 23.57
N LYS B 341 -8.18 12.52 23.62
CA LYS B 341 -8.34 13.95 23.24
C LYS B 341 -8.38 14.93 24.40
N VAL B 342 -7.66 16.05 24.23
CA VAL B 342 -7.84 17.25 25.06
C VAL B 342 -8.74 18.32 24.40
N GLY B 343 -9.80 18.71 25.13
CA GLY B 343 -10.83 19.68 24.66
C GLY B 343 -10.70 21.10 25.20
N ILE B 344 -11.16 22.08 24.41
CA ILE B 344 -11.35 23.47 24.85
C ILE B 344 -12.77 23.91 24.47
N ALA B 345 -13.53 24.26 25.51
CA ALA B 345 -14.87 24.77 25.38
C ALA B 345 -14.82 26.27 25.11
N VAL B 346 -14.78 26.63 23.84
CA VAL B 346 -14.78 28.03 23.49
C VAL B 346 -16.06 28.70 24.01
N LYS B 347 -17.21 28.06 23.83
CA LYS B 347 -18.53 28.49 24.32
C LYS B 347 -18.99 29.85 23.78
PA NAP C . 15.30 -10.03 -15.23
O1A NAP C . 14.63 -10.31 -16.55
O2A NAP C . 16.59 -10.68 -14.79
O5B NAP C . 15.49 -8.44 -15.15
C5B NAP C . 16.79 -7.93 -15.00
C4B NAP C . 16.77 -6.46 -15.36
O4B NAP C . 16.50 -5.68 -14.21
C3B NAP C . 18.15 -6.03 -15.84
O3B NAP C . 18.44 -6.50 -17.15
C2B NAP C . 18.06 -4.54 -15.64
O2B NAP C . 17.54 -3.85 -16.76
C1B NAP C . 17.08 -4.40 -14.46
N9A NAP C . 17.83 -3.85 -13.31
C8A NAP C . 18.89 -4.38 -12.67
N7A NAP C . 19.31 -3.54 -11.69
C5A NAP C . 18.53 -2.44 -11.73
C6A NAP C . 18.40 -1.17 -10.98
N6A NAP C . 19.24 -0.85 -9.97
N1A NAP C . 17.42 -0.31 -11.36
C2A NAP C . 16.55 -0.58 -12.37
N3A NAP C . 16.60 -1.74 -13.06
C4A NAP C . 17.55 -2.67 -12.79
O3 NAP C . 14.32 -10.21 -13.96
PN NAP C . 12.73 -10.39 -13.96
O1N NAP C . 12.46 -11.87 -14.36
O2N NAP C . 12.08 -9.24 -14.68
O5D NAP C . 12.59 -10.11 -12.37
C5D NAP C . 12.89 -8.83 -11.80
C4D NAP C . 13.06 -8.91 -10.29
O4D NAP C . 11.78 -9.11 -9.64
C3D NAP C . 13.96 -10.06 -9.82
O3D NAP C . 14.63 -9.66 -8.62
C2D NAP C . 12.97 -11.15 -9.52
O2D NAP C . 13.40 -11.99 -8.50
C1D NAP C . 11.73 -10.41 -9.02
N1N NAP C . 10.42 -11.08 -9.29
C2N NAP C . 9.54 -11.11 -8.28
C3N NAP C . 8.27 -11.68 -8.39
C7N NAP C . 7.32 -11.65 -7.22
O7N NAP C . 6.36 -12.40 -7.21
N7N NAP C . 7.49 -10.76 -6.24
C4N NAP C . 7.92 -12.25 -9.62
C5N NAP C . 8.83 -12.18 -10.67
C6N NAP C . 10.09 -11.58 -10.52
P2B NAP C . 18.39 -2.86 -17.67
O1X NAP C . 19.42 -3.73 -18.21
O2X NAP C . 17.38 -2.42 -18.74
O3X NAP C . 19.01 -1.85 -16.75
C1 EDO D . 10.33 -14.42 -8.49
O1 EDO D . 11.66 -14.21 -8.06
C2 EDO D . 9.33 -14.08 -7.37
O2 EDO D . 9.06 -14.98 -6.30
PA NAP E . -0.76 12.12 20.91
O1A NAP E . -2.19 12.16 21.36
O2A NAP E . 0.18 13.26 21.33
O5B NAP E . -0.09 10.72 21.24
C5B NAP E . 1.02 10.56 22.10
C4B NAP E . 0.96 9.10 22.56
O4B NAP E . 1.51 8.20 21.57
C3B NAP E . 1.74 8.90 23.86
O3B NAP E . 1.01 9.26 25.04
C2B NAP E . 2.13 7.43 23.71
O2B NAP E . 1.15 6.65 24.38
C1B NAP E . 2.14 7.13 22.22
N9A NAP E . 3.52 6.94 21.75
C8A NAP E . 4.59 7.82 21.76
N7A NAP E . 5.74 7.22 21.24
C5A NAP E . 5.40 5.93 20.95
C6A NAP E . 6.08 4.71 20.43
N6A NAP E . 7.38 4.66 20.07
N1A NAP E . 5.36 3.60 20.28
C2A NAP E . 4.07 3.53 20.62
N3A NAP E . 3.37 4.59 21.11
C4A NAP E . 3.97 5.78 21.30
O3 NAP E . -0.61 11.89 19.36
PN NAP E . -1.76 12.05 18.28
O1N NAP E . -2.45 13.43 18.25
O2N NAP E . -2.52 10.77 18.35
O5D NAP E . -0.69 11.99 17.05
C5D NAP E . -0.14 10.76 16.66
C4D NAP E . 0.94 10.92 15.61
O4D NAP E . 0.27 10.93 14.34
C3D NAP E . 1.81 12.19 15.65
O3D NAP E . 3.13 11.86 15.16
C2D NAP E . 1.09 13.16 14.70
O2D NAP E . 1.94 14.14 14.12
C1D NAP E . 0.57 12.16 13.65
N1N NAP E . -0.68 12.46 12.98
C2N NAP E . -0.68 12.42 11.65
C3N NAP E . -1.83 12.67 10.90
C7N NAP E . -1.81 12.60 9.41
O7N NAP E . -2.65 13.15 8.74
N7N NAP E . -0.87 11.86 8.81
C4N NAP E . -3.02 12.94 11.61
C5N NAP E . -2.98 13.00 13.01
C6N NAP E . -1.80 12.72 13.67
P2B NAP E . 1.58 5.48 25.41
O1X NAP E . 2.23 6.36 26.44
O2X NAP E . 0.26 4.83 25.80
O3X NAP E . 2.50 4.52 24.71
C1 EDO F . -1.23 15.80 11.74
O1 EDO F . 0.22 15.83 11.88
C2 EDO F . -2.00 16.19 10.42
O2 EDO F . -1.36 15.93 9.13
#